data_5EXV
#
_entry.id   5EXV
#
_cell.length_a   61.200
_cell.length_b   80.880
_cell.length_c   111.090
_cell.angle_alpha   90.00
_cell.angle_beta   95.55
_cell.angle_gamma   90.00
#
_symmetry.space_group_name_H-M   'P 1 21 1'
#
_entity_poly.entity_id   1
_entity_poly.type   'polypeptide(L)'
_entity_poly.pdbx_seq_one_letter_code
;MGSSHHHHHHSSGLEVLFQGPHMESLQQQVAQLLEQQPTLLPAAMAEQLNVTEFDIVHALPEEMVAVVDGSHAQTILESL
PEWGPVTTIMTIAGSIFEVKAPFPKGKVARGYYNLMGRDGELHGHLKLENISHVALVSKPFMGRESHYFGFFTAQGENAF
KIYLGRDEKRELIPEQVARFKAMQQQHKQ
;
_entity_poly.pdbx_strand_id   A,B,C,D,E,F
#
# COMPACT_ATOMS: atom_id res chain seq x y z
N SER A 25 -17.34 8.59 0.77
CA SER A 25 -17.50 7.46 -0.14
C SER A 25 -16.17 7.13 -0.82
N LEU A 26 -16.20 6.62 -2.05
CA LEU A 26 -14.98 6.19 -2.75
C LEU A 26 -14.17 7.37 -3.30
N GLN A 27 -14.85 8.28 -4.00
CA GLN A 27 -14.26 9.50 -4.54
C GLN A 27 -13.29 10.17 -3.59
N GLN A 28 -13.82 10.51 -2.43
CA GLN A 28 -13.03 11.00 -1.32
C GLN A 28 -12.03 9.92 -0.87
N GLN A 29 -12.38 8.64 -0.98
CA GLN A 29 -11.61 7.61 -0.25
C GLN A 29 -10.29 7.46 -0.96
N VAL A 30 -10.30 7.79 -2.24
CA VAL A 30 -9.05 7.90 -2.98
C VAL A 30 -9.10 8.97 -4.05
N ALA A 31 -8.81 10.19 -3.61
CA ALA A 31 -8.42 11.22 -4.53
C ALA A 31 -6.96 11.52 -4.25
N GLN A 32 -6.36 10.74 -3.36
CA GLN A 32 -4.96 10.95 -3.01
C GLN A 32 -4.19 10.97 -4.31
N LEU A 33 -4.12 9.80 -4.95
CA LEU A 33 -3.46 9.62 -6.24
C LEU A 33 -3.85 10.61 -7.35
N LEU A 34 -5.12 10.95 -7.51
CA LEU A 34 -5.42 11.87 -8.61
C LEU A 34 -5.57 13.31 -8.13
N GLU A 35 -4.77 14.19 -8.73
CA GLU A 35 -3.73 13.76 -9.66
C GLU A 35 -2.33 13.85 -9.01
N GLN A 36 -2.25 13.48 -7.73
CA GLN A 36 -0.99 13.41 -7.00
C GLN A 36 -0.16 12.27 -7.54
N GLN A 37 -0.82 11.16 -7.86
CA GLN A 37 -0.24 10.16 -8.75
C GLN A 37 -0.81 10.52 -10.11
N PRO A 38 -0.23 11.53 -10.76
CA PRO A 38 -0.80 11.97 -12.03
C PRO A 38 -0.53 10.86 -13.02
N THR A 39 -1.18 10.87 -14.18
CA THR A 39 -0.94 9.91 -15.27
C THR A 39 -1.72 8.60 -15.08
N LEU A 40 -2.54 8.53 -14.04
CA LEU A 40 -3.31 7.31 -13.76
C LEU A 40 -4.72 7.32 -14.38
N LEU A 41 -4.87 6.64 -15.51
CA LEU A 41 -6.16 6.47 -16.17
C LEU A 41 -7.05 5.54 -15.36
N PRO A 42 -8.38 5.80 -15.35
CA PRO A 42 -9.36 5.15 -14.48
C PRO A 42 -9.30 3.62 -14.46
N ALA A 43 -9.16 3.01 -15.63
CA ALA A 43 -9.03 1.56 -15.76
C ALA A 43 -7.95 0.99 -14.84
N ALA A 44 -6.76 1.59 -14.89
CA ALA A 44 -5.64 1.13 -14.08
C ALA A 44 -5.85 1.36 -12.57
N MET A 45 -6.48 2.47 -12.19
CA MET A 45 -6.67 2.75 -10.76
C MET A 45 -7.72 1.80 -10.19
N ALA A 46 -8.64 1.36 -11.04
CA ALA A 46 -9.60 0.31 -10.70
C ALA A 46 -8.90 -0.85 -9.98
N GLU A 47 -7.75 -1.25 -10.51
CA GLU A 47 -6.96 -2.36 -9.95
C GLU A 47 -6.46 -2.08 -8.52
N GLN A 48 -5.93 -0.87 -8.31
CA GLN A 48 -5.48 -0.45 -6.98
C GLN A 48 -6.64 -0.45 -6.00
N LEU A 49 -7.80 -0.01 -6.46
CA LEU A 49 -8.97 0.15 -5.60
C LEU A 49 -9.94 -1.01 -5.70
N ASN A 50 -9.64 -1.94 -6.60
CA ASN A 50 -10.43 -3.15 -6.80
C ASN A 50 -11.91 -2.87 -7.00
N VAL A 51 -12.21 -1.92 -7.89
CA VAL A 51 -13.58 -1.60 -8.24
C VAL A 51 -13.63 -1.38 -9.75
N THR A 52 -14.82 -1.44 -10.34
CA THR A 52 -14.95 -1.27 -11.80
C THR A 52 -14.34 0.05 -12.25
N GLU A 53 -13.97 0.14 -13.52
CA GLU A 53 -13.50 1.40 -14.08
C GLU A 53 -14.61 2.44 -13.92
N PHE A 54 -15.84 1.98 -14.04
CA PHE A 54 -17.00 2.81 -13.78
C PHE A 54 -17.02 3.30 -12.32
N ASP A 55 -16.74 2.43 -11.34
CA ASP A 55 -16.69 2.88 -9.95
C ASP A 55 -15.77 4.08 -9.79
N ILE A 56 -14.60 4.01 -10.43
CA ILE A 56 -13.67 5.13 -10.49
C ILE A 56 -14.30 6.35 -11.16
N VAL A 57 -15.02 6.13 -12.26
CA VAL A 57 -15.65 7.22 -12.99
C VAL A 57 -16.69 7.96 -12.14
N HIS A 58 -17.49 7.20 -11.39
CA HIS A 58 -18.46 7.76 -10.45
C HIS A 58 -17.75 8.55 -9.38
N ALA A 59 -16.64 7.97 -8.92
CA ALA A 59 -15.81 8.54 -7.87
C ALA A 59 -14.94 9.68 -8.35
N LEU A 60 -15.04 10.04 -9.62
CA LEU A 60 -14.24 11.16 -10.06
C LEU A 60 -14.87 12.44 -9.60
N PRO A 61 -14.03 13.46 -9.40
CA PRO A 61 -14.52 14.81 -9.19
C PRO A 61 -15.62 15.19 -10.20
N GLU A 62 -16.67 15.85 -9.71
CA GLU A 62 -17.76 16.40 -10.54
C GLU A 62 -17.26 17.25 -11.72
N GLU A 63 -16.22 18.04 -11.51
CA GLU A 63 -15.56 18.78 -12.58
C GLU A 63 -15.11 17.85 -13.70
N MET A 64 -14.67 16.66 -13.31
CA MET A 64 -14.05 15.73 -14.25
C MET A 64 -15.09 14.98 -15.09
N VAL A 65 -16.18 14.56 -14.45
CA VAL A 65 -17.15 13.73 -15.17
C VAL A 65 -18.56 14.31 -15.27
N ALA A 66 -19.28 13.76 -16.24
CA ALA A 66 -20.65 14.09 -16.56
C ALA A 66 -21.34 12.78 -16.90
N VAL A 67 -21.80 12.09 -15.86
CA VAL A 67 -22.49 10.82 -15.99
C VAL A 67 -23.89 11.03 -16.57
N VAL A 68 -24.32 10.11 -17.42
CA VAL A 68 -25.56 10.19 -18.16
C VAL A 68 -26.28 8.86 -18.03
N ASP A 69 -27.61 8.88 -18.16
CA ASP A 69 -28.40 7.67 -18.28
C ASP A 69 -27.96 6.90 -19.51
N GLY A 70 -27.67 5.62 -19.36
CA GLY A 70 -27.13 4.85 -20.47
C GLY A 70 -28.15 4.42 -21.50
N SER A 71 -29.42 4.40 -21.11
CA SER A 71 -30.50 3.99 -22.00
C SER A 71 -30.51 4.81 -23.28
N HIS A 72 -30.58 4.10 -24.40
CA HIS A 72 -30.65 4.70 -25.73
C HIS A 72 -29.65 5.85 -25.91
N ALA A 73 -28.39 5.47 -26.01
CA ALA A 73 -27.33 6.43 -26.28
C ALA A 73 -27.20 6.62 -27.78
N GLN A 74 -28.16 6.10 -28.52
CA GLN A 74 -28.13 6.19 -29.96
C GLN A 74 -28.24 7.63 -30.42
N THR A 75 -28.83 8.52 -29.60
CA THR A 75 -28.98 9.90 -30.03
C THR A 75 -27.70 10.69 -29.75
N ILE A 76 -27.08 10.37 -28.63
CA ILE A 76 -25.80 10.97 -28.34
C ILE A 76 -24.81 10.46 -29.40
N LEU A 77 -24.86 9.17 -29.71
CA LEU A 77 -24.05 8.58 -30.78
C LEU A 77 -24.36 9.18 -32.15
N GLU A 78 -25.61 9.62 -32.32
CA GLU A 78 -26.12 10.13 -33.59
C GLU A 78 -25.62 11.54 -33.81
N SER A 79 -25.39 12.23 -32.71
CA SER A 79 -24.86 13.58 -32.74
C SER A 79 -23.39 13.57 -33.17
N LEU A 80 -22.68 12.48 -32.85
CA LEU A 80 -21.23 12.36 -33.07
C LEU A 80 -20.68 12.72 -34.47
N PRO A 81 -21.39 12.36 -35.57
CA PRO A 81 -20.86 12.77 -36.88
C PRO A 81 -20.63 14.28 -37.03
N GLU A 82 -21.53 15.09 -36.46
CA GLU A 82 -21.39 16.54 -36.54
C GLU A 82 -20.07 17.03 -35.96
N TRP A 83 -19.63 16.40 -34.88
CA TRP A 83 -18.43 16.83 -34.17
C TRP A 83 -17.22 17.04 -35.08
N GLY A 84 -16.91 16.05 -35.92
CA GLY A 84 -15.73 16.12 -36.76
C GLY A 84 -14.84 14.93 -36.46
N PRO A 85 -13.53 15.03 -36.73
CA PRO A 85 -12.59 13.93 -36.45
C PRO A 85 -12.67 13.45 -35.00
N VAL A 86 -12.85 12.14 -34.79
CA VAL A 86 -12.78 11.59 -33.44
C VAL A 86 -11.95 10.30 -33.44
N THR A 87 -11.55 9.83 -32.27
CA THR A 87 -10.79 8.58 -32.19
C THR A 87 -11.58 7.55 -31.39
N THR A 88 -11.94 6.45 -32.03
CA THR A 88 -12.72 5.42 -31.34
C THR A 88 -11.82 4.31 -30.81
N ILE A 89 -11.88 4.07 -29.50
CA ILE A 89 -11.00 3.12 -28.85
C ILE A 89 -11.75 1.96 -28.16
N MET A 90 -11.43 0.73 -28.55
CA MET A 90 -11.91 -0.45 -27.82
C MET A 90 -10.73 -1.33 -27.45
N THR A 91 -10.77 -1.88 -26.24
CA THR A 91 -9.67 -2.72 -25.76
C THR A 91 -10.16 -4.13 -25.41
N ILE A 92 -9.60 -5.12 -26.09
CA ILE A 92 -9.96 -6.51 -25.82
C ILE A 92 -8.71 -7.35 -25.56
N ALA A 93 -8.77 -8.14 -24.49
CA ALA A 93 -7.68 -9.02 -24.08
C ALA A 93 -6.39 -8.26 -23.76
N GLY A 94 -6.49 -6.94 -23.62
CA GLY A 94 -5.32 -6.13 -23.31
C GLY A 94 -4.72 -5.49 -24.55
N SER A 95 -5.29 -5.82 -25.71
CA SER A 95 -4.95 -5.15 -26.95
C SER A 95 -5.83 -3.94 -27.12
N ILE A 96 -5.26 -2.87 -27.66
CA ILE A 96 -5.98 -1.63 -27.85
C ILE A 96 -6.15 -1.34 -29.34
N PHE A 97 -7.38 -1.09 -29.75
CA PHE A 97 -7.69 -0.75 -31.14
C PHE A 97 -8.29 0.64 -31.18
N GLU A 98 -7.72 1.51 -31.99
CA GLU A 98 -8.29 2.83 -32.15
C GLU A 98 -8.38 3.21 -33.62
N VAL A 99 -9.52 3.78 -34.01
CA VAL A 99 -9.66 4.26 -35.38
C VAL A 99 -9.81 5.79 -35.34
N LYS A 100 -8.89 6.46 -36.02
CA LYS A 100 -8.87 7.91 -36.06
C LYS A 100 -9.61 8.41 -37.29
N ALA A 101 -10.87 8.78 -37.10
CA ALA A 101 -11.74 9.24 -38.18
C ALA A 101 -13.02 9.85 -37.62
N PRO A 102 -13.81 10.51 -38.49
CA PRO A 102 -15.14 10.91 -38.04
C PRO A 102 -16.04 9.71 -37.71
N PHE A 103 -16.87 9.86 -36.68
CA PHE A 103 -17.77 8.77 -36.28
C PHE A 103 -18.80 8.53 -37.38
N PRO A 104 -19.18 7.26 -37.60
CA PRO A 104 -20.19 7.00 -38.63
C PRO A 104 -21.56 7.50 -38.20
N LYS A 105 -22.48 7.65 -39.14
CA LYS A 105 -23.89 7.85 -38.78
C LYS A 105 -24.44 6.51 -38.33
N GLY A 106 -25.76 6.36 -38.35
CA GLY A 106 -26.32 5.04 -38.11
C GLY A 106 -27.82 4.88 -38.07
N LYS A 107 -28.24 3.64 -38.23
CA LYS A 107 -29.64 3.25 -38.25
C LYS A 107 -29.82 1.97 -37.45
N VAL A 108 -31.00 1.77 -36.89
CA VAL A 108 -31.26 0.55 -36.13
C VAL A 108 -31.85 -0.52 -37.07
N ALA A 109 -31.13 -1.63 -37.16
CA ALA A 109 -31.58 -2.75 -38.00
C ALA A 109 -31.25 -4.08 -37.35
N ARG A 110 -32.23 -4.99 -37.36
CA ARG A 110 -32.08 -6.33 -36.80
C ARG A 110 -31.80 -6.27 -35.30
N GLY A 111 -32.25 -5.20 -34.67
CA GLY A 111 -32.15 -5.06 -33.23
C GLY A 111 -30.93 -4.29 -32.73
N TYR A 112 -29.98 -4.02 -33.62
CA TYR A 112 -28.74 -3.37 -33.23
C TYR A 112 -28.64 -1.97 -33.82
N TYR A 113 -27.68 -1.19 -33.33
CA TYR A 113 -27.32 0.09 -33.92
C TYR A 113 -26.22 -0.15 -34.93
N ASN A 114 -26.56 -0.16 -36.22
CA ASN A 114 -25.64 -0.62 -37.23
C ASN A 114 -24.77 0.48 -37.87
N LEU A 115 -23.95 0.05 -38.83
CA LEU A 115 -22.97 0.88 -39.52
C LEU A 115 -23.54 1.92 -40.47
N MET A 116 -22.77 2.99 -40.68
CA MET A 116 -23.08 3.97 -41.71
C MET A 116 -21.81 4.70 -42.19
N GLY A 117 -20.69 4.00 -42.13
CA GLY A 117 -19.43 4.56 -42.62
C GLY A 117 -19.25 4.29 -44.09
N ARG A 118 -18.58 5.20 -44.80
CA ARG A 118 -18.35 5.02 -46.23
C ARG A 118 -16.89 4.65 -46.49
N ASP A 119 -15.98 5.38 -45.84
CA ASP A 119 -14.56 5.23 -46.12
C ASP A 119 -13.70 5.59 -44.92
N GLY A 120 -12.76 4.69 -44.59
CA GLY A 120 -11.85 4.88 -43.47
C GLY A 120 -12.59 5.19 -42.19
N GLU A 121 -13.84 4.73 -42.12
CA GLU A 121 -14.69 4.99 -40.97
C GLU A 121 -14.90 3.72 -40.15
N LEU A 122 -15.80 3.80 -39.19
CA LEU A 122 -16.05 2.68 -38.30
C LEU A 122 -17.30 1.91 -38.67
N HIS A 123 -17.18 0.59 -38.58
CA HIS A 123 -18.26 -0.35 -38.81
C HIS A 123 -18.17 -1.32 -37.62
N GLY A 124 -19.20 -2.09 -37.31
CA GLY A 124 -20.42 -2.15 -38.09
C GLY A 124 -21.71 -2.21 -37.31
N HIS A 125 -21.73 -2.93 -36.19
CA HIS A 125 -22.97 -3.09 -35.46
C HIS A 125 -22.71 -2.87 -33.97
N LEU A 126 -23.56 -2.07 -33.33
CA LEU A 126 -23.37 -1.72 -31.94
C LEU A 126 -24.58 -2.09 -31.12
N LYS A 127 -24.43 -3.09 -30.26
CA LYS A 127 -25.49 -3.45 -29.34
C LYS A 127 -25.46 -2.51 -28.14
N LEU A 128 -26.01 -1.30 -28.30
CA LEU A 128 -26.02 -0.28 -27.25
C LEU A 128 -26.93 -0.66 -26.12
N GLU A 129 -27.79 -1.62 -26.38
CA GLU A 129 -28.77 -2.11 -25.43
C GLU A 129 -28.04 -2.64 -24.21
N ASN A 130 -26.88 -3.25 -24.45
CA ASN A 130 -26.04 -3.73 -23.37
C ASN A 130 -25.24 -2.61 -22.69
N ILE A 131 -25.36 -1.38 -23.19
CA ILE A 131 -24.69 -0.24 -22.55
C ILE A 131 -25.55 0.34 -21.44
N SER A 132 -25.15 0.12 -20.19
CA SER A 132 -25.94 0.57 -19.06
C SER A 132 -25.81 2.05 -18.82
N HIS A 133 -24.60 2.58 -18.98
CA HIS A 133 -24.29 3.95 -18.64
C HIS A 133 -23.31 4.58 -19.63
N VAL A 134 -23.41 5.90 -19.79
CA VAL A 134 -22.45 6.67 -20.57
C VAL A 134 -21.90 7.76 -19.65
N ALA A 135 -20.59 7.96 -19.69
CA ALA A 135 -19.97 8.98 -18.87
C ALA A 135 -19.12 9.89 -19.72
N LEU A 136 -19.54 11.14 -19.86
CA LEU A 136 -18.72 12.12 -20.54
C LEU A 136 -17.60 12.46 -19.56
N VAL A 137 -16.35 12.35 -19.98
CA VAL A 137 -15.25 12.44 -19.03
C VAL A 137 -14.11 13.30 -19.58
N SER A 138 -13.52 14.12 -18.73
CA SER A 138 -12.42 14.98 -19.15
C SER A 138 -11.32 14.97 -18.10
N LYS A 139 -10.25 14.22 -18.36
CA LYS A 139 -9.17 14.10 -17.40
C LYS A 139 -7.80 14.38 -18.01
N PRO A 140 -7.13 15.44 -17.54
CA PRO A 140 -5.80 15.77 -18.08
C PRO A 140 -4.75 14.70 -17.78
N PHE A 141 -3.96 14.37 -18.80
CA PHE A 141 -2.92 13.35 -18.72
C PHE A 141 -1.58 13.95 -19.15
N MET A 142 -0.52 13.61 -18.43
CA MET A 142 0.86 14.03 -18.69
C MET A 142 1.02 15.52 -18.99
N GLY A 143 0.32 16.35 -18.23
CA GLY A 143 0.39 17.80 -18.39
C GLY A 143 -0.54 18.27 -19.48
N ARG A 144 -1.35 17.33 -19.99
CA ARG A 144 -2.24 17.62 -21.10
C ARG A 144 -3.66 17.08 -20.89
N GLU A 145 -4.65 17.92 -21.15
CA GLU A 145 -6.04 17.52 -21.00
C GLU A 145 -6.42 16.37 -21.93
N SER A 146 -7.47 15.63 -21.57
CA SER A 146 -7.99 14.55 -22.39
C SER A 146 -9.50 14.43 -22.19
N HIS A 147 -10.26 14.53 -23.28
CA HIS A 147 -11.71 14.51 -23.18
C HIS A 147 -12.28 13.39 -24.06
N TYR A 148 -13.20 12.60 -23.49
CA TYR A 148 -13.76 11.45 -24.19
C TYR A 148 -15.14 11.03 -23.67
N PHE A 149 -15.79 10.15 -24.43
CA PHE A 149 -17.04 9.52 -24.00
C PHE A 149 -16.75 8.09 -23.56
N GLY A 150 -17.13 7.74 -22.33
CA GLY A 150 -16.91 6.40 -21.81
C GLY A 150 -18.17 5.58 -21.77
N PHE A 151 -18.19 4.43 -22.45
CA PHE A 151 -19.42 3.63 -22.49
C PHE A 151 -19.26 2.42 -21.57
N PHE A 152 -20.30 2.12 -20.82
CA PHE A 152 -20.21 1.10 -19.80
C PHE A 152 -21.31 0.06 -19.88
N THR A 153 -21.36 -0.78 -18.86
CA THR A 153 -22.25 -1.92 -18.83
C THR A 153 -22.87 -2.01 -17.43
N ALA A 154 -23.89 -2.83 -17.25
CA ALA A 154 -24.50 -2.99 -15.92
C ALA A 154 -23.46 -3.59 -15.00
N GLN A 155 -22.65 -4.45 -15.61
CA GLN A 155 -21.48 -5.04 -15.01
C GLN A 155 -20.47 -3.96 -14.63
N GLY A 156 -20.58 -2.82 -15.30
CA GLY A 156 -19.73 -1.67 -15.02
C GLY A 156 -18.50 -1.65 -15.91
N GLU A 157 -18.31 -2.71 -16.68
CA GLU A 157 -17.14 -2.83 -17.54
C GLU A 157 -17.14 -1.71 -18.58
N ASN A 158 -15.97 -1.46 -19.16
CA ASN A 158 -15.82 -0.41 -20.17
C ASN A 158 -15.89 -1.00 -21.57
N ALA A 159 -17.03 -0.85 -22.23
CA ALA A 159 -17.23 -1.40 -23.56
C ALA A 159 -16.28 -0.75 -24.56
N PHE A 160 -16.30 0.57 -24.60
CA PHE A 160 -15.36 1.34 -25.42
C PHE A 160 -15.48 2.83 -25.14
N LYS A 161 -14.58 3.61 -25.72
CA LYS A 161 -14.58 5.05 -25.51
C LYS A 161 -14.33 5.84 -26.80
N ILE A 162 -14.77 7.09 -26.81
CA ILE A 162 -14.56 8.00 -27.93
C ILE A 162 -13.74 9.22 -27.52
N TYR A 163 -12.45 9.23 -27.82
CA TYR A 163 -11.61 10.39 -27.51
C TYR A 163 -11.73 11.47 -28.55
N LEU A 164 -11.80 12.72 -28.09
CA LEU A 164 -11.89 13.86 -28.99
C LEU A 164 -10.74 13.85 -30.00
N GLY A 165 -11.08 14.04 -31.27
CA GLY A 165 -10.11 14.00 -32.33
C GLY A 165 -9.18 15.19 -32.28
N ARG A 166 -8.11 15.13 -33.06
CA ARG A 166 -7.06 16.13 -32.99
C ARG A 166 -6.70 16.63 -34.38
N ASP A 167 -6.18 17.85 -34.45
CA ASP A 167 -5.77 18.47 -35.71
C ASP A 167 -4.53 17.75 -36.28
N GLU A 168 -3.90 18.35 -37.28
CA GLU A 168 -2.59 17.90 -37.72
C GLU A 168 -1.65 18.05 -36.53
N LYS A 169 -1.89 19.10 -35.77
CA LYS A 169 -1.18 19.33 -34.55
C LYS A 169 -1.71 18.37 -33.52
N ARG A 170 -0.93 18.12 -32.49
CA ARG A 170 -1.20 16.97 -31.61
C ARG A 170 -2.51 16.96 -30.85
N GLU A 171 -3.11 18.10 -30.59
CA GLU A 171 -4.38 18.18 -29.86
C GLU A 171 -5.54 18.85 -30.41
N LEU A 172 -6.49 19.04 -29.50
CA LEU A 172 -7.87 18.97 -29.90
C LEU A 172 -8.43 20.16 -30.64
N ILE A 173 -9.41 19.84 -31.49
CA ILE A 173 -10.22 20.82 -32.17
C ILE A 173 -10.83 21.72 -31.13
N PRO A 174 -10.64 23.03 -31.28
CA PRO A 174 -11.19 23.96 -30.28
C PRO A 174 -12.71 24.00 -30.30
N GLU A 175 -13.34 23.72 -31.45
CA GLU A 175 -14.79 23.75 -31.53
C GLU A 175 -15.44 22.65 -30.69
N GLN A 176 -14.84 21.46 -30.72
CA GLN A 176 -15.37 20.27 -30.07
C GLN A 176 -15.36 20.34 -28.54
N VAL A 177 -14.27 20.84 -27.98
CA VAL A 177 -14.13 20.88 -26.52
C VAL A 177 -15.26 21.70 -25.90
N ALA A 178 -15.63 22.78 -26.58
CA ALA A 178 -16.71 23.64 -26.12
C ALA A 178 -18.00 22.85 -25.99
N ARG A 179 -18.30 22.01 -26.97
CA ARG A 179 -19.44 21.11 -26.90
C ARG A 179 -19.30 20.16 -25.70
N PHE A 180 -18.09 19.65 -25.52
CA PHE A 180 -17.86 18.71 -24.42
C PHE A 180 -18.19 19.33 -23.06
N LYS A 181 -17.67 20.53 -22.79
CA LYS A 181 -17.98 21.19 -21.52
C LYS A 181 -19.43 21.67 -21.48
N ALA A 182 -19.98 22.00 -22.65
CA ALA A 182 -21.35 22.47 -22.78
C ALA A 182 -22.33 21.38 -22.37
N MET A 183 -21.88 20.14 -22.52
CA MET A 183 -22.70 19.00 -22.13
C MET A 183 -23.15 19.08 -20.68
N GLN A 184 -22.23 19.37 -19.75
CA GLN A 184 -22.63 19.60 -18.37
C GLN A 184 -23.21 21.02 -18.24
N GLN A 185 -24.36 21.18 -17.57
CA GLN A 185 -25.13 20.08 -16.98
C GLN A 185 -25.90 19.33 -18.05
N GLN A 186 -26.61 20.09 -18.88
CA GLN A 186 -27.17 19.55 -20.11
C GLN A 186 -27.47 20.68 -21.08
N HIS A 187 -27.64 20.32 -22.35
CA HIS A 187 -27.85 21.30 -23.40
C HIS A 187 -29.19 22.00 -23.25
N MET B 23 -24.15 -39.03 -27.67
CA MET B 23 -22.87 -38.55 -27.17
C MET B 23 -21.71 -38.73 -28.16
N GLU B 24 -21.43 -37.69 -28.93
CA GLU B 24 -20.38 -37.78 -29.94
C GLU B 24 -19.17 -36.92 -29.58
N SER B 25 -18.08 -37.10 -30.32
CA SER B 25 -16.90 -36.27 -30.12
C SER B 25 -17.26 -34.83 -30.43
N LEU B 26 -16.53 -33.90 -29.83
CA LEU B 26 -16.69 -32.47 -30.10
C LEU B 26 -16.61 -32.20 -31.60
N GLN B 27 -15.65 -32.86 -32.24
CA GLN B 27 -15.49 -32.83 -33.69
C GLN B 27 -16.79 -33.20 -34.43
N GLN B 28 -17.45 -34.26 -33.96
CA GLN B 28 -18.70 -34.72 -34.57
C GLN B 28 -19.85 -33.74 -34.31
N GLN B 29 -19.95 -33.24 -33.08
CA GLN B 29 -20.95 -32.23 -32.74
C GLN B 29 -20.80 -30.99 -33.63
N VAL B 30 -19.56 -30.55 -33.80
CA VAL B 30 -19.25 -29.37 -34.61
C VAL B 30 -19.56 -29.59 -36.10
N ALA B 31 -19.11 -30.69 -36.67
CA ALA B 31 -19.43 -31.00 -38.07
C ALA B 31 -20.94 -31.00 -38.28
N GLN B 32 -21.64 -31.73 -37.40
CA GLN B 32 -23.09 -31.72 -37.38
C GLN B 32 -23.61 -30.28 -37.41
N LEU B 33 -23.13 -29.46 -36.49
CA LEU B 33 -23.53 -28.05 -36.44
C LEU B 33 -23.31 -27.32 -37.75
N LEU B 34 -22.21 -27.63 -38.43
CA LEU B 34 -21.92 -27.06 -39.73
C LEU B 34 -23.03 -27.38 -40.70
N GLU B 35 -23.30 -28.66 -40.88
CA GLU B 35 -24.30 -29.03 -41.89
C GLU B 35 -25.71 -28.55 -41.52
N GLN B 36 -26.03 -28.48 -40.23
CA GLN B 36 -27.39 -28.14 -39.84
C GLN B 36 -27.62 -26.62 -39.72
N GLN B 37 -26.65 -25.91 -39.17
CA GLN B 37 -26.73 -24.45 -39.05
C GLN B 37 -25.47 -23.78 -39.58
N PRO B 38 -25.35 -23.68 -40.92
CA PRO B 38 -24.12 -23.13 -41.51
C PRO B 38 -23.87 -21.67 -41.13
N THR B 39 -24.94 -20.88 -40.96
CA THR B 39 -24.84 -19.46 -40.65
C THR B 39 -24.10 -19.18 -39.35
N LEU B 40 -24.24 -20.08 -38.37
CA LEU B 40 -23.68 -19.91 -37.03
C LEU B 40 -22.18 -19.58 -37.02
N LEU B 41 -21.81 -18.49 -36.37
CA LEU B 41 -20.40 -18.15 -36.16
C LEU B 41 -19.80 -19.06 -35.08
N PRO B 42 -18.47 -19.25 -35.10
CA PRO B 42 -17.85 -20.13 -34.11
C PRO B 42 -18.08 -19.70 -32.65
N ALA B 43 -18.21 -18.41 -32.37
CA ALA B 43 -18.53 -17.95 -31.01
C ALA B 43 -19.90 -18.48 -30.57
N ALA B 44 -20.89 -18.26 -31.44
CA ALA B 44 -22.24 -18.76 -31.22
C ALA B 44 -22.19 -20.26 -30.94
N MET B 45 -21.52 -21.00 -31.82
CA MET B 45 -21.27 -22.43 -31.62
C MET B 45 -20.68 -22.72 -30.24
N ALA B 46 -19.76 -21.86 -29.82
CA ALA B 46 -19.10 -21.99 -28.52
C ALA B 46 -20.10 -21.96 -27.40
N GLU B 47 -21.05 -21.04 -27.49
CA GLU B 47 -22.14 -21.05 -26.53
C GLU B 47 -22.95 -22.33 -26.64
N GLN B 48 -23.24 -22.75 -27.87
CA GLN B 48 -24.07 -23.93 -28.11
C GLN B 48 -23.52 -25.19 -27.42
N LEU B 49 -22.23 -25.45 -27.57
CA LEU B 49 -21.66 -26.68 -27.03
C LEU B 49 -21.00 -26.46 -25.67
N ASN B 50 -21.03 -25.22 -25.20
CA ASN B 50 -20.45 -24.85 -23.90
C ASN B 50 -18.93 -25.13 -23.88
N VAL B 51 -18.22 -24.52 -24.82
CA VAL B 51 -16.77 -24.61 -24.88
C VAL B 51 -16.20 -23.26 -25.30
N THR B 52 -14.87 -23.14 -25.34
CA THR B 52 -14.24 -21.91 -25.80
C THR B 52 -14.22 -21.90 -27.32
N GLU B 53 -14.04 -20.73 -27.93
CA GLU B 53 -14.13 -20.62 -29.39
C GLU B 53 -13.01 -21.40 -30.08
N PHE B 54 -11.86 -21.45 -29.40
CA PHE B 54 -10.73 -22.20 -29.93
C PHE B 54 -11.09 -23.68 -30.04
N ASP B 55 -11.93 -24.19 -29.14
CA ASP B 55 -12.26 -25.60 -29.15
C ASP B 55 -13.05 -25.96 -30.42
N ILE B 56 -13.95 -25.07 -30.83
CA ILE B 56 -14.71 -25.26 -32.07
C ILE B 56 -13.83 -25.13 -33.28
N VAL B 57 -13.06 -24.05 -33.31
CA VAL B 57 -12.18 -23.81 -34.45
C VAL B 57 -11.22 -24.98 -34.64
N HIS B 58 -10.75 -25.53 -33.53
CA HIS B 58 -9.83 -26.66 -33.53
C HIS B 58 -10.56 -27.95 -33.86
N ALA B 59 -11.86 -27.97 -33.58
CA ALA B 59 -12.68 -29.16 -33.87
C ALA B 59 -13.22 -29.12 -35.30
N LEU B 60 -13.15 -27.97 -35.94
CA LEU B 60 -13.55 -27.84 -37.34
C LEU B 60 -12.86 -28.93 -38.16
N PRO B 61 -13.49 -29.34 -39.27
CA PRO B 61 -12.91 -30.32 -40.19
C PRO B 61 -11.48 -29.96 -40.57
N GLU B 62 -10.63 -30.98 -40.71
CA GLU B 62 -9.19 -30.79 -40.83
C GLU B 62 -8.79 -29.87 -41.98
N GLU B 63 -9.51 -29.98 -43.09
CA GLU B 63 -9.22 -29.14 -44.26
C GLU B 63 -9.52 -27.67 -43.97
N MET B 64 -10.46 -27.43 -43.05
CA MET B 64 -11.00 -26.10 -42.81
C MET B 64 -10.15 -25.16 -41.94
N VAL B 65 -9.10 -25.65 -41.31
CA VAL B 65 -8.36 -24.79 -40.38
C VAL B 65 -6.90 -25.21 -40.17
N ALA B 66 -6.01 -24.22 -40.08
CA ALA B 66 -4.65 -24.47 -39.60
C ALA B 66 -4.45 -23.76 -38.28
N VAL B 67 -3.82 -24.42 -37.31
CA VAL B 67 -3.49 -23.72 -36.07
C VAL B 67 -1.99 -23.57 -35.92
N VAL B 68 -1.54 -22.33 -35.81
CA VAL B 68 -0.12 -22.00 -35.65
C VAL B 68 0.13 -21.35 -34.29
N ASP B 69 1.27 -21.65 -33.69
CA ASP B 69 1.67 -21.08 -32.40
C ASP B 69 1.59 -19.55 -32.36
N GLY B 70 1.11 -19.01 -31.25
CA GLY B 70 1.03 -17.56 -31.07
C GLY B 70 2.39 -16.91 -31.15
N SER B 71 3.43 -17.72 -30.95
CA SER B 71 4.81 -17.24 -31.02
C SER B 71 5.13 -16.67 -32.40
N HIS B 72 4.37 -17.10 -33.40
CA HIS B 72 4.58 -16.64 -34.76
C HIS B 72 3.63 -15.50 -35.16
N ALA B 73 2.70 -15.16 -34.26
CA ALA B 73 1.71 -14.10 -34.49
C ALA B 73 2.32 -12.87 -35.16
N GLN B 74 3.29 -12.29 -34.47
CA GLN B 74 3.98 -11.09 -34.94
C GLN B 74 4.42 -11.23 -36.38
N THR B 75 5.13 -12.33 -36.66
CA THR B 75 5.64 -12.56 -38.00
C THR B 75 4.50 -12.45 -39.01
N ILE B 76 3.41 -13.15 -38.72
CA ILE B 76 2.28 -13.13 -39.62
C ILE B 76 1.76 -11.72 -39.83
N LEU B 77 1.60 -10.97 -38.75
CA LEU B 77 1.12 -9.58 -38.88
C LEU B 77 2.09 -8.76 -39.74
N GLU B 78 3.39 -9.02 -39.58
CA GLU B 78 4.39 -8.28 -40.36
C GLU B 78 4.25 -8.53 -41.85
N SER B 79 3.64 -9.66 -42.22
CA SER B 79 3.48 -10.01 -43.61
C SER B 79 2.25 -9.33 -44.21
N LEU B 80 1.32 -8.94 -43.34
CA LEU B 80 0.01 -8.45 -43.79
C LEU B 80 -0.04 -7.07 -44.50
N PRO B 81 0.85 -6.12 -44.16
CA PRO B 81 0.74 -4.82 -44.86
C PRO B 81 0.85 -4.92 -46.37
N GLU B 82 1.67 -5.85 -46.85
CA GLU B 82 1.79 -6.12 -48.28
C GLU B 82 0.48 -6.60 -48.89
N TRP B 83 -0.24 -7.44 -48.15
CA TRP B 83 -1.45 -8.10 -48.64
C TRP B 83 -2.45 -7.18 -49.28
N GLY B 84 -2.65 -6.01 -48.68
CA GLY B 84 -3.64 -5.07 -49.17
C GLY B 84 -4.74 -4.89 -48.16
N PRO B 85 -5.89 -4.36 -48.61
CA PRO B 85 -7.00 -4.07 -47.72
C PRO B 85 -7.62 -5.33 -47.12
N VAL B 86 -7.83 -5.30 -45.81
CA VAL B 86 -8.47 -6.39 -45.10
C VAL B 86 -9.47 -5.79 -44.10
N THR B 87 -10.24 -6.66 -43.44
CA THR B 87 -11.24 -6.18 -42.49
C THR B 87 -10.97 -6.72 -41.10
N THR B 88 -10.42 -5.88 -40.23
CA THR B 88 -10.16 -6.33 -38.86
C THR B 88 -11.38 -6.12 -37.97
N ILE B 89 -11.86 -7.23 -37.41
CA ILE B 89 -13.09 -7.21 -36.63
C ILE B 89 -12.84 -7.67 -35.20
N MET B 90 -13.46 -6.97 -34.24
CA MET B 90 -13.37 -7.33 -32.83
C MET B 90 -14.74 -7.24 -32.16
N THR B 91 -14.92 -7.97 -31.06
CA THR B 91 -16.21 -8.02 -30.39
C THR B 91 -16.08 -7.73 -28.90
N ILE B 92 -16.70 -6.65 -28.45
CA ILE B 92 -16.74 -6.29 -27.03
C ILE B 92 -18.17 -6.04 -26.58
N ALA B 93 -18.62 -6.77 -25.56
CA ALA B 93 -19.92 -6.53 -24.95
C ALA B 93 -21.05 -6.60 -25.98
N GLY B 94 -20.97 -7.54 -26.90
CA GLY B 94 -22.00 -7.71 -27.91
C GLY B 94 -21.95 -6.69 -29.02
N SER B 95 -21.02 -5.74 -28.91
CA SER B 95 -20.79 -4.75 -29.95
C SER B 95 -19.67 -5.23 -30.87
N ILE B 96 -19.90 -5.10 -32.17
CA ILE B 96 -18.93 -5.58 -33.14
C ILE B 96 -18.34 -4.42 -33.94
N PHE B 97 -17.02 -4.38 -34.00
CA PHE B 97 -16.31 -3.27 -34.61
C PHE B 97 -15.45 -3.76 -35.76
N GLU B 98 -15.61 -3.13 -36.92
CA GLU B 98 -14.90 -3.53 -38.12
C GLU B 98 -14.09 -2.39 -38.72
N VAL B 99 -12.85 -2.67 -39.07
CA VAL B 99 -11.99 -1.70 -39.73
C VAL B 99 -11.62 -2.23 -41.10
N LYS B 100 -12.22 -1.63 -42.13
CA LYS B 100 -11.95 -2.00 -43.51
C LYS B 100 -10.84 -1.11 -44.03
N ALA B 101 -9.63 -1.65 -44.07
CA ALA B 101 -8.44 -0.88 -44.45
C ALA B 101 -7.27 -1.84 -44.59
N PRO B 102 -6.16 -1.39 -45.22
CA PRO B 102 -5.01 -2.29 -45.19
C PRO B 102 -4.47 -2.42 -43.76
N PHE B 103 -3.62 -3.40 -43.53
CA PHE B 103 -3.10 -3.58 -42.19
C PHE B 103 -1.83 -2.76 -42.01
N PRO B 104 -1.75 -2.03 -40.90
CA PRO B 104 -0.62 -1.13 -40.63
C PRO B 104 0.66 -1.89 -40.38
N LYS B 105 1.80 -1.32 -40.77
CA LYS B 105 3.09 -1.87 -40.37
C LYS B 105 3.19 -1.77 -38.85
N GLY B 106 4.18 -2.45 -38.28
CA GLY B 106 4.28 -2.48 -36.83
C GLY B 106 5.69 -2.67 -36.31
N LYS B 107 5.92 -2.15 -35.11
CA LYS B 107 7.23 -2.28 -34.48
C LYS B 107 7.03 -2.53 -33.00
N VAL B 108 7.77 -3.49 -32.44
CA VAL B 108 7.61 -3.83 -31.03
C VAL B 108 8.31 -2.86 -30.11
N ALA B 109 7.53 -2.12 -29.34
CA ALA B 109 8.09 -1.18 -28.37
C ALA B 109 7.42 -1.33 -27.02
N ARG B 110 8.23 -1.21 -25.97
CA ARG B 110 7.76 -1.31 -24.60
C ARG B 110 6.92 -2.56 -24.41
N GLY B 111 5.67 -2.36 -24.01
CA GLY B 111 4.77 -3.47 -23.77
C GLY B 111 4.29 -4.19 -25.02
N TYR B 112 4.11 -3.47 -26.12
CA TYR B 112 3.34 -4.03 -27.22
C TYR B 112 4.00 -4.06 -28.60
N TYR B 113 3.21 -4.53 -29.57
CA TYR B 113 3.51 -4.38 -30.98
C TYR B 113 2.69 -3.19 -31.44
N ASN B 114 3.38 -2.07 -31.67
CA ASN B 114 2.69 -0.82 -31.97
C ASN B 114 2.48 -0.64 -33.46
N LEU B 115 1.29 -0.14 -33.79
CA LEU B 115 0.83 -0.03 -35.17
C LEU B 115 1.07 1.35 -35.73
N MET B 116 1.61 1.41 -36.94
CA MET B 116 1.91 2.67 -37.60
C MET B 116 0.89 2.92 -38.70
N GLY B 117 -0.24 3.50 -38.32
CA GLY B 117 -1.34 3.69 -39.25
C GLY B 117 -1.28 5.01 -39.98
N ARG B 118 -1.65 4.99 -41.25
CA ARG B 118 -1.70 6.18 -42.07
C ARG B 118 -3.11 6.33 -42.65
N ASP B 119 -3.75 7.46 -42.39
CA ASP B 119 -5.10 7.73 -42.86
C ASP B 119 -6.08 6.67 -42.37
N GLY B 120 -6.71 5.98 -43.31
CA GLY B 120 -7.74 5.01 -43.01
C GLY B 120 -7.31 3.79 -42.21
N GLU B 121 -6.02 3.46 -42.26
CA GLU B 121 -5.48 2.32 -41.53
C GLU B 121 -5.78 2.39 -40.03
N LEU B 122 -5.91 1.23 -39.41
CA LEU B 122 -6.22 1.14 -37.98
C LEU B 122 -4.99 1.42 -37.12
N HIS B 123 -5.20 2.09 -35.99
CA HIS B 123 -4.10 2.36 -35.07
C HIS B 123 -4.32 1.61 -33.76
N GLY B 124 -3.22 1.22 -33.12
CA GLY B 124 -3.33 0.62 -31.80
C GLY B 124 -2.07 -0.01 -31.27
N HIS B 125 -2.21 -0.68 -30.14
CA HIS B 125 -1.12 -1.44 -29.55
C HIS B 125 -1.64 -2.84 -29.23
N LEU B 126 -1.04 -3.83 -29.86
CA LEU B 126 -1.47 -5.21 -29.66
C LEU B 126 -0.49 -5.94 -28.76
N LYS B 127 -1.02 -6.66 -27.79
CA LYS B 127 -0.22 -7.46 -26.88
C LYS B 127 -0.04 -8.86 -27.47
N LEU B 128 0.97 -9.03 -28.31
CA LEU B 128 1.11 -10.31 -28.99
C LEU B 128 1.54 -11.41 -28.01
N GLU B 129 2.09 -11.01 -26.86
CA GLU B 129 2.49 -11.96 -25.83
C GLU B 129 1.30 -12.69 -25.21
N ASN B 130 0.15 -12.03 -25.21
CA ASN B 130 -1.06 -12.61 -24.64
C ASN B 130 -1.94 -13.21 -25.75
N ILE B 131 -1.29 -13.56 -26.86
CA ILE B 131 -1.94 -14.36 -27.88
C ILE B 131 -1.23 -15.70 -27.93
N SER B 132 -1.89 -16.73 -27.39
CA SER B 132 -1.31 -18.06 -27.36
C SER B 132 -1.44 -18.79 -28.69
N HIS B 133 -2.48 -18.49 -29.46
CA HIS B 133 -2.65 -19.20 -30.73
C HIS B 133 -3.23 -18.37 -31.86
N VAL B 134 -2.77 -18.66 -33.07
CA VAL B 134 -3.26 -17.99 -34.26
C VAL B 134 -3.88 -19.02 -35.18
N ALA B 135 -5.09 -18.81 -35.65
CA ALA B 135 -5.70 -19.79 -36.55
C ALA B 135 -5.96 -19.22 -37.92
N LEU B 136 -5.68 -20.01 -38.94
CA LEU B 136 -6.09 -19.65 -40.29
C LEU B 136 -7.36 -20.44 -40.58
N VAL B 137 -8.49 -19.76 -40.51
CA VAL B 137 -9.79 -20.41 -40.73
C VAL B 137 -10.45 -20.07 -42.07
N SER B 138 -10.73 -21.11 -42.84
CA SER B 138 -11.56 -21.00 -44.04
C SER B 138 -12.96 -21.51 -43.74
N LYS B 139 -13.82 -20.60 -43.30
CA LYS B 139 -15.21 -20.94 -43.04
C LYS B 139 -16.09 -19.93 -43.74
N PRO B 140 -17.08 -20.41 -44.50
CA PRO B 140 -17.98 -19.52 -45.21
C PRO B 140 -18.71 -18.56 -44.27
N PHE B 141 -18.82 -17.31 -44.66
CA PHE B 141 -19.49 -16.31 -43.87
C PHE B 141 -20.74 -15.82 -44.61
N MET B 142 -21.89 -15.97 -43.96
CA MET B 142 -23.18 -15.59 -44.55
C MET B 142 -23.40 -16.24 -45.92
N GLY B 143 -23.07 -17.52 -46.04
CA GLY B 143 -23.28 -18.25 -47.27
C GLY B 143 -22.26 -17.96 -48.35
N ARG B 144 -21.24 -17.21 -48.00
CA ARG B 144 -20.19 -16.89 -48.95
C ARG B 144 -18.84 -17.34 -48.47
N GLU B 145 -18.02 -17.71 -49.45
CA GLU B 145 -16.59 -17.88 -49.29
C GLU B 145 -15.95 -16.84 -48.34
N SER B 146 -15.21 -17.31 -47.34
CA SER B 146 -14.62 -16.40 -46.36
C SER B 146 -13.43 -16.99 -45.63
N HIS B 147 -12.40 -16.16 -45.44
CA HIS B 147 -11.21 -16.60 -44.73
C HIS B 147 -10.82 -15.56 -43.68
N TYR B 148 -10.33 -16.03 -42.53
CA TYR B 148 -9.82 -15.08 -41.53
C TYR B 148 -8.72 -15.65 -40.66
N PHE B 149 -7.85 -14.74 -40.19
CA PHE B 149 -6.89 -15.00 -39.15
C PHE B 149 -7.55 -14.77 -37.79
N GLY B 150 -7.52 -15.77 -36.91
CA GLY B 150 -8.09 -15.61 -35.57
C GLY B 150 -7.00 -15.54 -34.53
N PHE B 151 -7.13 -14.62 -33.58
CA PHE B 151 -6.13 -14.54 -32.51
C PHE B 151 -6.73 -14.90 -31.16
N PHE B 152 -6.15 -15.92 -30.53
CA PHE B 152 -6.66 -16.54 -29.31
C PHE B 152 -5.74 -16.40 -28.10
N THR B 153 -6.34 -15.94 -27.00
CA THR B 153 -5.74 -16.00 -25.67
C THR B 153 -5.53 -17.43 -25.17
N ALA B 154 -4.85 -17.57 -24.05
CA ALA B 154 -4.60 -18.88 -23.44
C ALA B 154 -5.89 -19.49 -22.88
N GLN B 155 -6.82 -18.61 -22.50
CA GLN B 155 -8.13 -19.02 -22.02
C GLN B 155 -8.95 -19.64 -23.15
N GLY B 156 -8.60 -19.30 -24.39
CA GLY B 156 -9.29 -19.83 -25.54
C GLY B 156 -10.28 -18.88 -26.18
N GLU B 157 -10.41 -17.69 -25.60
CA GLU B 157 -11.28 -16.66 -26.17
C GLU B 157 -10.64 -16.04 -27.40
N ASN B 158 -11.49 -15.62 -28.33
CA ASN B 158 -11.04 -14.97 -29.56
C ASN B 158 -10.83 -13.47 -29.34
N ALA B 159 -9.57 -13.03 -29.37
CA ALA B 159 -9.23 -11.63 -29.19
C ALA B 159 -9.79 -10.79 -30.34
N PHE B 160 -9.25 -11.03 -31.53
CA PHE B 160 -9.74 -10.37 -32.73
C PHE B 160 -9.56 -11.24 -33.97
N LYS B 161 -10.31 -10.90 -35.01
CA LYS B 161 -10.23 -11.54 -36.31
C LYS B 161 -9.73 -10.58 -37.39
N ILE B 162 -9.01 -11.12 -38.36
CA ILE B 162 -8.57 -10.38 -39.55
C ILE B 162 -9.10 -11.08 -40.79
N TYR B 163 -10.18 -10.53 -41.36
CA TYR B 163 -10.78 -11.13 -42.55
C TYR B 163 -10.11 -10.64 -43.82
N LEU B 164 -10.00 -11.54 -44.80
CA LEU B 164 -9.46 -11.19 -46.10
C LEU B 164 -10.37 -10.15 -46.75
N GLY B 165 -9.78 -9.22 -47.51
CA GLY B 165 -10.53 -8.10 -48.05
C GLY B 165 -11.39 -8.39 -49.26
N ARG B 166 -12.44 -7.59 -49.42
CA ARG B 166 -13.31 -7.68 -50.59
C ARG B 166 -13.22 -6.44 -51.46
N ASP B 167 -13.27 -6.62 -52.78
CA ASP B 167 -13.32 -5.48 -53.67
C ASP B 167 -14.69 -4.82 -53.64
N GLU B 168 -14.82 -3.75 -54.42
CA GLU B 168 -16.05 -3.00 -54.58
C GLU B 168 -17.21 -3.86 -55.07
N LYS B 169 -16.91 -4.84 -55.93
CA LYS B 169 -17.93 -5.76 -56.45
C LYS B 169 -18.25 -6.91 -55.49
N ARG B 170 -17.75 -6.79 -54.26
CA ARG B 170 -18.03 -7.74 -53.16
C ARG B 170 -17.36 -9.10 -53.30
N GLU B 171 -16.27 -9.18 -54.08
CA GLU B 171 -15.58 -10.44 -54.23
C GLU B 171 -14.22 -10.43 -53.51
N LEU B 172 -13.73 -11.61 -53.13
CA LEU B 172 -12.42 -11.69 -52.50
C LEU B 172 -11.34 -11.24 -53.47
N ILE B 173 -10.10 -11.18 -52.98
CA ILE B 173 -8.95 -10.84 -53.79
C ILE B 173 -8.12 -12.07 -54.05
N PRO B 174 -7.95 -12.46 -55.31
CA PRO B 174 -7.22 -13.68 -55.68
C PRO B 174 -5.89 -13.81 -54.96
N GLU B 175 -5.11 -12.73 -54.93
CA GLU B 175 -3.79 -12.73 -54.31
C GLU B 175 -3.83 -13.14 -52.83
N GLN B 176 -4.71 -12.48 -52.07
CA GLN B 176 -4.89 -12.79 -50.66
C GLN B 176 -5.27 -14.25 -50.43
N VAL B 177 -6.19 -14.76 -51.24
CA VAL B 177 -6.64 -16.14 -51.07
C VAL B 177 -5.54 -17.14 -51.40
N ALA B 178 -4.75 -16.83 -52.43
CA ALA B 178 -3.64 -17.71 -52.80
C ALA B 178 -2.62 -17.75 -51.65
N ARG B 179 -2.30 -16.57 -51.15
CA ARG B 179 -1.32 -16.45 -50.08
C ARG B 179 -1.78 -17.17 -48.81
N PHE B 180 -2.99 -16.85 -48.37
CA PHE B 180 -3.62 -17.48 -47.21
C PHE B 180 -3.68 -19.01 -47.33
N LYS B 181 -4.15 -19.49 -48.48
CA LYS B 181 -4.20 -20.93 -48.72
C LYS B 181 -2.81 -21.55 -48.58
N ALA B 182 -1.82 -20.94 -49.20
CA ALA B 182 -0.45 -21.46 -49.10
C ALA B 182 0.01 -21.51 -47.64
N MET B 183 -0.40 -20.51 -46.87
CA MET B 183 -0.02 -20.42 -45.45
C MET B 183 -0.62 -21.55 -44.62
N GLN B 184 -1.93 -21.71 -44.74
CA GLN B 184 -2.64 -22.88 -44.23
C GLN B 184 -1.87 -24.15 -44.59
N GLN B 185 -1.52 -24.28 -45.86
CA GLN B 185 -0.87 -25.49 -46.33
C GLN B 185 0.45 -25.71 -45.60
N GLN B 186 1.19 -24.61 -45.39
CA GLN B 186 2.42 -24.70 -44.61
C GLN B 186 2.19 -25.23 -43.20
N HIS B 187 1.27 -24.61 -42.48
CA HIS B 187 1.12 -24.98 -41.07
C HIS B 187 0.26 -26.23 -40.88
N LYS B 188 -0.26 -26.77 -41.98
CA LYS B 188 -0.84 -28.11 -41.98
C LYS B 188 0.24 -29.16 -41.95
N GLN B 189 1.50 -28.71 -42.04
CA GLN B 189 2.69 -29.56 -42.17
C GLN B 189 2.69 -30.30 -43.51
N MET C 23 30.86 4.12 5.77
CA MET C 23 31.97 3.84 6.73
C MET C 23 31.60 3.00 7.89
N GLU C 24 30.40 3.30 8.34
CA GLU C 24 29.70 2.63 9.41
C GLU C 24 29.38 1.16 9.16
N SER C 25 29.12 0.42 10.24
CA SER C 25 28.75 -0.98 10.14
C SER C 25 27.35 -1.19 9.58
N LEU C 26 26.96 -2.46 9.48
CA LEU C 26 25.66 -2.80 8.92
C LEU C 26 24.53 -2.08 9.69
N GLN C 27 24.65 -1.90 11.00
CA GLN C 27 24.08 -0.69 11.62
C GLN C 27 25.32 0.10 11.98
N GLN C 28 25.39 1.40 11.64
CA GLN C 28 24.24 2.23 11.31
C GLN C 28 23.82 2.33 9.83
N GLN C 29 24.33 1.43 8.97
CA GLN C 29 23.96 1.40 7.55
C GLN C 29 22.46 1.12 7.37
N VAL C 30 21.92 0.41 8.35
CA VAL C 30 20.56 -0.10 8.39
C VAL C 30 19.78 0.87 9.25
N ALA C 31 20.42 1.24 10.36
CA ALA C 31 19.88 2.20 11.31
C ALA C 31 19.43 3.48 10.61
N GLN C 32 20.21 3.92 9.62
CA GLN C 32 19.84 5.09 8.82
C GLN C 32 18.62 4.83 7.97
N LEU C 33 18.55 3.63 7.39
CA LEU C 33 17.49 3.28 6.44
C LEU C 33 16.10 3.28 7.04
N LEU C 34 15.98 2.96 8.33
CA LEU C 34 14.67 2.95 8.95
C LEU C 34 14.15 4.39 9.05
N GLU C 35 15.03 5.35 9.32
CA GLU C 35 14.68 6.77 9.35
C GLU C 35 14.06 7.30 8.12
N GLN C 36 14.84 7.14 7.06
CA GLN C 36 14.54 7.79 5.81
C GLN C 36 14.09 6.69 4.88
N GLN C 37 13.04 7.03 4.14
CA GLN C 37 12.25 6.06 3.37
C GLN C 37 12.07 4.73 4.14
N PRO C 38 11.17 4.74 5.14
CA PRO C 38 10.89 3.52 5.91
C PRO C 38 9.91 2.60 5.20
N THR C 39 9.61 2.91 3.93
CA THR C 39 8.75 2.09 3.11
C THR C 39 9.35 0.69 2.95
N LEU C 40 10.67 0.63 2.96
CA LEU C 40 11.40 -0.61 2.70
C LEU C 40 11.26 -1.64 3.83
N LEU C 41 10.88 -2.85 3.44
CA LEU C 41 10.76 -4.00 4.32
C LEU C 41 12.14 -4.64 4.50
N PRO C 42 12.30 -5.56 5.47
CA PRO C 42 13.61 -6.20 5.68
C PRO C 42 14.16 -6.88 4.44
N ALA C 43 13.31 -7.63 3.74
CA ALA C 43 13.70 -8.31 2.50
C ALA C 43 14.28 -7.34 1.47
N ALA C 44 13.67 -6.16 1.35
CA ALA C 44 14.12 -5.15 0.40
C ALA C 44 15.45 -4.54 0.84
N MET C 45 15.56 -4.28 2.14
CA MET C 45 16.78 -3.75 2.75
C MET C 45 17.97 -4.65 2.45
N ALA C 46 17.79 -5.95 2.63
CA ALA C 46 18.83 -6.92 2.32
C ALA C 46 19.38 -6.72 0.91
N GLU C 47 18.49 -6.40 -0.03
CA GLU C 47 18.88 -6.27 -1.44
C GLU C 47 19.54 -4.93 -1.73
N GLN C 48 19.07 -3.85 -1.09
CA GLN C 48 19.72 -2.56 -1.26
C GLN C 48 21.17 -2.62 -0.78
N LEU C 49 21.40 -3.25 0.37
CA LEU C 49 22.74 -3.28 0.96
C LEU C 49 23.48 -4.58 0.61
N ASN C 50 22.86 -5.40 -0.23
CA ASN C 50 23.45 -6.64 -0.71
C ASN C 50 23.85 -7.61 0.41
N VAL C 51 22.99 -7.74 1.42
CA VAL C 51 23.23 -8.72 2.46
C VAL C 51 22.05 -9.68 2.54
N THR C 52 22.15 -10.69 3.41
CA THR C 52 21.04 -11.60 3.64
C THR C 52 20.04 -10.92 4.58
N GLU C 53 18.85 -11.48 4.70
CA GLU C 53 17.84 -10.92 5.59
C GLU C 53 18.29 -11.03 7.04
N PHE C 54 18.93 -12.15 7.36
CA PHE C 54 19.40 -12.35 8.72
C PHE C 54 20.42 -11.31 9.10
N ASP C 55 21.26 -10.93 8.14
CA ASP C 55 22.27 -9.92 8.41
C ASP C 55 21.61 -8.62 8.82
N ILE C 56 20.55 -8.23 8.13
CA ILE C 56 19.77 -7.07 8.52
C ILE C 56 19.19 -7.21 9.93
N VAL C 57 18.55 -8.35 10.19
CA VAL C 57 17.90 -8.56 11.49
C VAL C 57 18.91 -8.58 12.64
N HIS C 58 20.10 -9.09 12.36
CA HIS C 58 21.16 -9.12 13.36
C HIS C 58 21.74 -7.72 13.52
N ALA C 59 21.71 -6.96 12.44
CA ALA C 59 22.37 -5.66 12.39
C ALA C 59 21.43 -4.47 12.50
N LEU C 60 20.32 -4.62 13.20
CA LEU C 60 19.45 -3.46 13.42
C LEU C 60 19.30 -3.33 14.95
N PRO C 61 18.67 -2.24 15.44
CA PRO C 61 18.55 -2.01 16.90
C PRO C 61 18.21 -3.24 17.74
N GLU C 62 18.79 -3.36 18.93
CA GLU C 62 18.56 -4.52 19.81
C GLU C 62 17.11 -4.65 20.25
N GLU C 63 16.43 -3.52 20.41
CA GLU C 63 15.05 -3.52 20.90
C GLU C 63 14.13 -4.24 19.92
N MET C 64 14.40 -4.07 18.64
CA MET C 64 13.54 -4.62 17.60
C MET C 64 13.69 -6.13 17.44
N VAL C 65 14.73 -6.73 18.01
CA VAL C 65 15.00 -8.15 17.76
C VAL C 65 15.43 -8.96 18.97
N ALA C 66 14.89 -10.18 19.07
CA ALA C 66 15.45 -11.22 19.92
C ALA C 66 15.73 -12.46 19.08
N VAL C 67 17.00 -12.87 18.99
CA VAL C 67 17.34 -14.03 18.17
C VAL C 67 17.54 -15.29 18.99
N VAL C 68 16.85 -16.36 18.59
CA VAL C 68 16.90 -17.63 19.30
C VAL C 68 17.28 -18.76 18.34
N ASP C 69 17.77 -19.88 18.88
CA ASP C 69 18.12 -21.02 18.06
C ASP C 69 16.87 -21.66 17.44
N GLY C 70 17.07 -22.39 16.35
CA GLY C 70 15.97 -23.02 15.64
C GLY C 70 15.41 -24.25 16.32
N SER C 71 16.10 -24.73 17.35
CA SER C 71 15.59 -25.84 18.15
C SER C 71 14.30 -25.39 18.82
N HIS C 72 14.21 -24.10 19.10
CA HIS C 72 13.03 -23.55 19.75
C HIS C 72 11.87 -23.45 18.76
N ALA C 73 12.18 -23.51 17.46
CA ALA C 73 11.15 -23.30 16.43
C ALA C 73 9.89 -24.12 16.69
N GLN C 74 10.04 -25.43 16.72
CA GLN C 74 8.93 -26.34 17.00
C GLN C 74 8.10 -25.83 18.17
N THR C 75 8.77 -25.60 19.29
CA THR C 75 8.11 -25.14 20.50
C THR C 75 7.20 -23.96 20.19
N ILE C 76 7.77 -22.93 19.59
CA ILE C 76 7.02 -21.74 19.29
C ILE C 76 5.81 -22.06 18.41
N LEU C 77 6.02 -22.86 17.37
CA LEU C 77 4.93 -23.26 16.50
C LEU C 77 3.81 -23.92 17.31
N GLU C 78 4.20 -24.79 18.24
CA GLU C 78 3.23 -25.50 19.08
C GLU C 78 2.45 -24.58 19.99
N SER C 79 3.02 -23.41 20.28
CA SER C 79 2.32 -22.45 21.11
C SER C 79 1.31 -21.67 20.28
N LEU C 80 1.56 -21.57 18.98
CA LEU C 80 0.79 -20.69 18.10
C LEU C 80 -0.72 -20.96 17.90
N PRO C 81 -1.20 -22.22 18.07
CA PRO C 81 -2.65 -22.37 17.97
C PRO C 81 -3.43 -21.52 18.98
N GLU C 82 -2.90 -21.42 20.19
CA GLU C 82 -3.50 -20.66 21.28
C GLU C 82 -3.70 -19.16 20.94
N TRP C 83 -2.81 -18.61 20.14
CA TRP C 83 -2.73 -17.16 19.95
C TRP C 83 -3.89 -16.62 19.10
N GLY C 84 -4.34 -17.43 18.14
CA GLY C 84 -5.42 -17.02 17.27
C GLY C 84 -4.92 -16.69 15.88
N PRO C 85 -5.58 -15.72 15.21
CA PRO C 85 -5.23 -15.41 13.82
C PRO C 85 -3.80 -14.89 13.72
N VAL C 86 -3.04 -15.41 12.76
CA VAL C 86 -1.74 -14.89 12.41
C VAL C 86 -1.74 -14.60 10.93
N THR C 87 -0.59 -14.24 10.38
CA THR C 87 -0.49 -14.13 8.93
C THR C 87 0.85 -14.71 8.50
N THR C 88 0.78 -15.89 7.90
CA THR C 88 1.98 -16.57 7.46
C THR C 88 2.38 -16.06 6.09
N ILE C 89 3.66 -15.73 5.92
CA ILE C 89 4.12 -15.19 4.64
C ILE C 89 5.39 -15.88 4.18
N MET C 90 5.44 -16.25 2.91
CA MET C 90 6.66 -16.78 2.31
C MET C 90 6.98 -16.04 1.02
N THR C 91 8.23 -16.14 0.58
CA THR C 91 8.63 -15.49 -0.66
C THR C 91 9.39 -16.46 -1.54
N ILE C 92 8.74 -16.89 -2.63
CA ILE C 92 9.35 -17.82 -3.58
C ILE C 92 9.48 -17.15 -4.95
N ALA C 93 10.71 -17.07 -5.45
CA ALA C 93 10.98 -16.50 -6.77
C ALA C 93 10.44 -15.09 -6.93
N GLY C 94 10.46 -14.31 -5.86
CA GLY C 94 10.01 -12.93 -5.91
C GLY C 94 8.52 -12.79 -5.67
N SER C 95 7.84 -13.93 -5.60
CA SER C 95 6.42 -13.94 -5.34
C SER C 95 6.16 -14.01 -3.84
N ILE C 96 5.23 -13.19 -3.36
CA ILE C 96 4.87 -13.17 -1.95
C ILE C 96 3.57 -13.96 -1.75
N PHE C 97 3.55 -14.83 -0.73
CA PHE C 97 2.37 -15.63 -0.43
C PHE C 97 1.95 -15.42 1.01
N GLU C 98 0.69 -15.06 1.23
CA GLU C 98 0.19 -14.80 2.58
C GLU C 98 -1.06 -15.60 2.89
N VAL C 99 -1.04 -16.35 3.99
CA VAL C 99 -2.27 -16.97 4.47
C VAL C 99 -2.61 -16.41 5.86
N LYS C 100 -3.73 -15.70 5.91
CA LYS C 100 -4.24 -15.11 7.15
C LYS C 100 -5.21 -16.07 7.82
N ALA C 101 -4.70 -16.87 8.75
CA ALA C 101 -5.49 -17.90 9.39
C ALA C 101 -4.90 -18.30 10.73
N PRO C 102 -5.73 -18.84 11.63
CA PRO C 102 -5.19 -19.39 12.88
C PRO C 102 -4.18 -20.48 12.58
N PHE C 103 -3.04 -20.46 13.27
CA PHE C 103 -2.03 -21.46 13.02
C PHE C 103 -2.50 -22.83 13.49
N PRO C 104 -2.39 -23.83 12.61
CA PRO C 104 -2.77 -25.21 12.90
C PRO C 104 -1.87 -25.83 13.96
N LYS C 105 -2.41 -26.81 14.68
CA LYS C 105 -1.60 -27.64 15.52
C LYS C 105 -0.87 -28.64 14.63
N GLY C 106 0.19 -29.22 15.15
CA GLY C 106 1.03 -30.09 14.35
C GLY C 106 1.62 -31.26 15.10
N LYS C 107 1.74 -32.39 14.41
CA LYS C 107 2.40 -33.55 14.98
C LYS C 107 3.56 -33.97 14.08
N VAL C 108 4.65 -34.40 14.69
CA VAL C 108 5.83 -34.81 13.96
C VAL C 108 5.68 -36.23 13.39
N ALA C 109 5.88 -36.35 12.08
CA ALA C 109 5.89 -37.64 11.41
C ALA C 109 6.57 -37.52 10.04
N ARG C 110 7.17 -38.63 9.59
CA ARG C 110 7.86 -38.67 8.30
C ARG C 110 8.96 -37.61 8.21
N GLY C 111 9.47 -37.20 9.36
CA GLY C 111 10.55 -36.23 9.40
C GLY C 111 10.08 -34.80 9.23
N TYR C 112 8.76 -34.62 9.16
CA TYR C 112 8.17 -33.29 9.10
C TYR C 112 7.39 -32.96 10.35
N TYR C 113 7.10 -31.67 10.52
CA TYR C 113 6.11 -31.20 11.48
C TYR C 113 4.81 -31.01 10.73
N ASN C 114 4.02 -32.08 10.65
CA ASN C 114 2.77 -32.10 9.89
C ASN C 114 1.69 -31.22 10.49
N LEU C 115 1.06 -30.41 9.65
CA LEU C 115 0.02 -29.48 10.09
C LEU C 115 -1.37 -30.02 9.85
N MET C 116 -2.24 -29.89 10.85
CA MET C 116 -3.63 -30.32 10.69
C MET C 116 -4.60 -29.18 10.94
N GLY C 117 -4.88 -28.42 9.89
CA GLY C 117 -5.82 -27.31 9.99
C GLY C 117 -7.21 -27.66 9.51
N ARG C 118 -8.19 -27.64 10.42
CA ARG C 118 -9.54 -28.10 10.12
C ARG C 118 -10.20 -27.40 8.93
N ASP C 119 -10.06 -26.08 8.85
CA ASP C 119 -10.71 -25.34 7.77
C ASP C 119 -10.07 -23.98 7.54
N GLY C 120 -9.68 -23.73 6.29
CA GLY C 120 -9.18 -22.43 5.87
C GLY C 120 -7.91 -22.02 6.58
N GLU C 121 -7.12 -23.01 7.01
CA GLU C 121 -5.83 -22.73 7.61
C GLU C 121 -4.73 -23.08 6.62
N LEU C 122 -3.50 -22.88 7.03
CA LEU C 122 -2.36 -23.39 6.28
C LEU C 122 -2.34 -24.89 6.53
N HIS C 123 -1.82 -25.67 5.58
CA HIS C 123 -1.95 -27.11 5.70
C HIS C 123 -0.71 -27.88 5.29
N GLY C 124 0.40 -27.17 5.13
CA GLY C 124 1.61 -27.79 4.65
C GLY C 124 2.34 -28.66 5.67
N HIS C 125 3.49 -29.19 5.26
CA HIS C 125 4.33 -29.98 6.13
C HIS C 125 5.69 -29.30 6.25
N LEU C 126 6.09 -29.02 7.48
CA LEU C 126 7.25 -28.16 7.71
C LEU C 126 8.51 -28.94 8.06
N LYS C 127 9.62 -28.54 7.47
CA LYS C 127 10.91 -29.18 7.74
C LYS C 127 11.75 -28.29 8.66
N LEU C 128 11.57 -28.47 9.97
CA LEU C 128 12.13 -27.54 10.96
C LEU C 128 13.60 -27.77 11.29
N GLU C 129 14.18 -28.88 10.82
CA GLU C 129 15.62 -29.06 10.97
C GLU C 129 16.37 -28.01 10.16
N ASN C 130 15.74 -27.53 9.09
CA ASN C 130 16.37 -26.59 8.18
C ASN C 130 16.45 -25.16 8.74
N ILE C 131 15.67 -24.88 9.77
CA ILE C 131 15.69 -23.56 10.39
C ILE C 131 16.79 -23.46 11.47
N SER C 132 17.84 -22.70 11.16
CA SER C 132 18.98 -22.54 12.05
C SER C 132 18.69 -21.53 13.16
N HIS C 133 17.88 -20.53 12.83
CA HIS C 133 17.60 -19.44 13.76
C HIS C 133 16.20 -18.92 13.58
N VAL C 134 15.59 -18.48 14.68
CA VAL C 134 14.29 -17.82 14.64
C VAL C 134 14.41 -16.46 15.31
N ALA C 135 13.87 -15.43 14.66
CA ALA C 135 13.98 -14.08 15.18
C ALA C 135 12.63 -13.49 15.53
N LEU C 136 12.49 -13.09 16.79
CA LEU C 136 11.34 -12.30 17.21
C LEU C 136 11.59 -10.85 16.86
N VAL C 137 10.90 -10.38 15.83
CA VAL C 137 11.13 -9.05 15.28
C VAL C 137 9.94 -8.13 15.50
N SER C 138 10.21 -6.99 16.14
CA SER C 138 9.19 -5.96 16.32
C SER C 138 9.68 -4.64 15.78
N LYS C 139 9.75 -4.58 14.46
CA LYS C 139 10.09 -3.35 13.75
C LYS C 139 8.83 -2.78 13.13
N PRO C 140 8.47 -1.53 13.47
CA PRO C 140 7.35 -0.85 12.82
C PRO C 140 7.74 -0.40 11.42
N PHE C 141 7.32 -1.14 10.39
CA PHE C 141 7.81 -0.85 9.04
C PHE C 141 7.25 0.47 8.51
N MET C 142 5.95 0.72 8.70
CA MET C 142 5.43 2.08 8.47
C MET C 142 4.12 2.34 9.23
N GLY C 143 4.18 3.30 10.15
CA GLY C 143 3.00 3.82 10.80
C GLY C 143 2.22 2.91 11.72
N ARG C 144 2.80 1.76 12.07
CA ARG C 144 2.15 0.84 12.98
C ARG C 144 3.13 -0.16 13.57
N GLU C 145 2.77 -0.70 14.72
CA GLU C 145 3.49 -1.82 15.32
C GLU C 145 3.47 -3.03 14.37
N SER C 146 4.64 -3.54 13.99
CA SER C 146 4.69 -4.75 13.17
C SER C 146 5.59 -5.81 13.80
N HIS C 147 4.96 -6.90 14.22
CA HIS C 147 5.62 -7.92 15.02
C HIS C 147 5.54 -9.29 14.34
N TYR C 148 6.70 -9.90 14.09
CA TYR C 148 6.72 -11.15 13.35
C TYR C 148 7.86 -12.08 13.78
N PHE C 149 7.61 -13.37 13.65
CA PHE C 149 8.64 -14.37 13.83
C PHE C 149 9.27 -14.62 12.47
N GLY C 150 10.59 -14.59 12.38
CA GLY C 150 11.27 -14.91 11.15
C GLY C 150 11.99 -16.23 11.31
N PHE C 151 11.84 -17.10 10.32
CA PHE C 151 12.50 -18.39 10.36
C PHE C 151 13.61 -18.42 9.35
N PHE C 152 14.83 -18.55 9.84
CA PHE C 152 16.01 -18.42 9.01
C PHE C 152 16.65 -19.76 8.76
N THR C 153 17.27 -19.92 7.60
CA THR C 153 18.00 -21.13 7.33
C THR C 153 19.50 -20.83 7.44
N ALA C 154 20.32 -21.85 7.25
CA ALA C 154 21.74 -21.79 7.58
C ALA C 154 22.53 -20.68 6.88
N GLN C 155 22.16 -20.34 5.65
CA GLN C 155 22.93 -19.32 4.93
C GLN C 155 22.30 -17.93 5.07
N GLY C 156 21.35 -17.81 5.99
CA GLY C 156 20.84 -16.50 6.33
C GLY C 156 19.60 -16.04 5.59
N GLU C 157 19.08 -16.89 4.72
CA GLU C 157 17.88 -16.56 3.96
C GLU C 157 16.65 -16.71 4.84
N ASN C 158 15.58 -16.01 4.50
CA ASN C 158 14.34 -16.08 5.26
C ASN C 158 13.37 -17.10 4.67
N ALA C 159 13.33 -18.29 5.26
CA ALA C 159 12.44 -19.35 4.82
C ALA C 159 10.98 -18.90 4.86
N PHE C 160 10.53 -18.41 6.02
CA PHE C 160 9.18 -17.85 6.12
C PHE C 160 8.98 -17.02 7.38
N LYS C 161 7.93 -16.22 7.35
CA LYS C 161 7.58 -15.33 8.45
C LYS C 161 6.18 -15.63 8.97
N ILE C 162 5.96 -15.30 10.24
CA ILE C 162 4.64 -15.34 10.82
C ILE C 162 4.40 -14.01 11.52
N TYR C 163 3.64 -13.14 10.87
CA TYR C 163 3.27 -11.88 11.49
C TYR C 163 2.11 -12.14 12.44
N LEU C 164 2.00 -11.31 13.47
CA LEU C 164 0.81 -11.34 14.30
C LEU C 164 -0.39 -11.09 13.39
N GLY C 165 -1.53 -11.67 13.74
CA GLY C 165 -2.75 -11.55 12.95
C GLY C 165 -2.96 -10.16 12.37
N ARG C 166 -2.96 -10.08 11.04
CA ARG C 166 -3.10 -8.78 10.39
C ARG C 166 -4.25 -8.79 9.38
N ASP C 167 -5.23 -7.94 9.62
CA ASP C 167 -5.32 -7.18 10.86
C ASP C 167 -5.66 -8.00 12.13
N GLU C 168 -6.45 -9.08 12.07
CA GLU C 168 -7.32 -9.44 10.95
C GLU C 168 -8.54 -8.55 11.06
N LYS C 169 -9.04 -8.43 12.30
CA LYS C 169 -10.14 -7.52 12.59
C LYS C 169 -9.59 -6.14 12.34
N ARG C 170 -10.37 -5.29 11.66
CA ARG C 170 -9.91 -3.96 11.25
C ARG C 170 -9.08 -3.27 12.31
N GLU C 171 -9.47 -3.46 13.57
CA GLU C 171 -8.59 -3.16 14.69
C GLU C 171 -7.36 -4.04 14.63
N LEU C 172 -6.24 -3.48 14.20
CA LEU C 172 -5.07 -4.28 13.87
C LEU C 172 -4.43 -5.04 15.05
N ILE C 173 -4.68 -4.64 16.29
CA ILE C 173 -4.02 -5.33 17.39
C ILE C 173 -4.81 -6.56 17.84
N PRO C 174 -4.17 -7.74 17.74
CA PRO C 174 -4.63 -8.80 18.62
C PRO C 174 -4.17 -8.39 20.00
N GLU C 175 -5.01 -8.53 21.03
CA GLU C 175 -4.66 -8.04 22.36
C GLU C 175 -3.30 -8.54 22.81
N GLN C 176 -2.96 -9.75 22.41
CA GLN C 176 -1.75 -10.38 22.89
C GLN C 176 -0.60 -10.17 21.93
N VAL C 177 -0.22 -8.90 21.81
CA VAL C 177 1.08 -8.50 21.29
C VAL C 177 2.07 -8.67 22.43
N ALA C 178 1.56 -8.49 23.64
CA ALA C 178 2.37 -8.55 24.85
C ALA C 178 2.98 -9.92 25.07
N ARG C 179 2.37 -10.98 24.56
CA ARG C 179 2.96 -12.31 24.70
C ARG C 179 4.28 -12.35 23.92
N PHE C 180 4.19 -11.87 22.68
CA PHE C 180 5.35 -11.68 21.82
C PHE C 180 6.46 -10.86 22.48
N LYS C 181 6.11 -9.65 22.91
CA LYS C 181 7.03 -8.74 23.61
C LYS C 181 7.67 -9.40 24.83
N ALA C 182 6.84 -10.11 25.58
CA ALA C 182 7.27 -10.85 26.76
C ALA C 182 8.38 -11.79 26.38
N MET C 183 8.17 -12.54 25.31
CA MET C 183 9.23 -13.42 24.83
C MET C 183 10.46 -12.61 24.41
N GLN C 184 10.25 -11.44 23.82
CA GLN C 184 11.37 -10.57 23.46
C GLN C 184 12.27 -10.22 24.65
N GLN C 185 11.68 -9.73 25.74
CA GLN C 185 12.51 -9.44 26.91
C GLN C 185 13.07 -10.74 27.49
N GLN C 186 12.28 -11.80 27.44
CA GLN C 186 12.69 -13.10 27.98
C GLN C 186 14.03 -13.56 27.38
N HIS C 187 14.17 -13.42 26.06
CA HIS C 187 15.40 -13.82 25.38
C HIS C 187 16.32 -12.63 25.12
N GLU D 24 19.78 -41.08 -25.43
CA GLU D 24 20.22 -39.90 -24.69
C GLU D 24 19.05 -39.05 -24.23
N SER D 25 17.92 -39.20 -24.93
CA SER D 25 16.77 -38.32 -24.71
C SER D 25 16.23 -38.40 -23.28
N LEU D 26 15.66 -37.29 -22.83
CA LEU D 26 15.05 -37.23 -21.51
C LEU D 26 13.70 -37.94 -21.55
N GLN D 27 13.04 -37.86 -22.70
CA GLN D 27 11.79 -38.58 -22.93
C GLN D 27 11.94 -40.06 -22.68
N GLN D 28 13.16 -40.55 -22.65
CA GLN D 28 13.26 -41.94 -22.29
C GLN D 28 13.69 -42.15 -20.85
N GLN D 29 14.55 -41.30 -20.31
CA GLN D 29 14.84 -41.34 -18.88
C GLN D 29 13.53 -41.38 -18.11
N VAL D 30 12.59 -40.55 -18.56
CA VAL D 30 11.18 -40.66 -18.21
C VAL D 30 10.44 -40.68 -19.55
N ALA D 31 9.77 -41.79 -19.89
CA ALA D 31 9.11 -42.65 -18.89
C ALA D 31 9.80 -43.90 -18.32
N GLN D 32 11.10 -44.09 -18.54
CA GLN D 32 11.81 -45.22 -17.90
C GLN D 32 11.60 -45.21 -16.39
N LEU D 33 11.64 -44.02 -15.82
CA LEU D 33 11.49 -43.81 -14.39
C LEU D 33 10.03 -43.71 -14.03
N LEU D 34 9.19 -43.78 -15.06
CA LEU D 34 7.77 -43.75 -14.83
C LEU D 34 7.25 -45.18 -14.68
N GLU D 35 7.90 -46.12 -15.38
CA GLU D 35 7.51 -47.52 -15.30
C GLU D 35 7.96 -48.15 -13.99
N GLN D 36 9.24 -48.01 -13.66
CA GLN D 36 9.74 -48.35 -12.33
C GLN D 36 9.69 -47.10 -11.45
N GLN D 37 9.46 -47.29 -10.15
CA GLN D 37 9.25 -46.20 -9.21
C GLN D 37 8.30 -45.11 -9.76
N PRO D 38 7.02 -45.46 -9.99
CA PRO D 38 6.05 -44.44 -10.41
C PRO D 38 5.68 -43.55 -9.24
N THR D 39 6.15 -43.94 -8.06
CA THR D 39 5.89 -43.25 -6.81
C THR D 39 6.55 -41.88 -6.73
N LEU D 40 7.71 -41.75 -7.38
CA LEU D 40 8.47 -40.50 -7.34
C LEU D 40 7.68 -39.31 -7.91
N LEU D 41 7.76 -38.17 -7.23
CA LEU D 41 7.20 -36.92 -7.71
C LEU D 41 8.12 -36.30 -8.76
N PRO D 42 7.61 -35.35 -9.57
CA PRO D 42 8.47 -34.81 -10.63
C PRO D 42 9.80 -34.24 -10.13
N ALA D 43 9.78 -33.53 -9.00
CA ALA D 43 11.00 -33.02 -8.40
C ALA D 43 11.97 -34.15 -8.03
N ALA D 44 11.44 -35.24 -7.47
CA ALA D 44 12.26 -36.38 -7.10
C ALA D 44 12.95 -37.00 -8.33
N MET D 45 12.16 -37.25 -9.37
CA MET D 45 12.70 -37.67 -10.66
C MET D 45 13.80 -36.75 -11.12
N ALA D 46 13.54 -35.45 -10.97
CA ALA D 46 14.47 -34.41 -11.39
C ALA D 46 15.78 -34.55 -10.66
N GLU D 47 15.71 -34.97 -9.40
CA GLU D 47 16.92 -35.27 -8.62
C GLU D 47 17.64 -36.51 -9.14
N GLN D 48 16.89 -37.59 -9.37
CA GLN D 48 17.48 -38.84 -9.83
C GLN D 48 18.22 -38.65 -11.16
N LEU D 49 17.60 -37.94 -12.09
CA LEU D 49 18.27 -37.55 -13.32
C LEU D 49 19.10 -36.31 -12.97
N ASN D 50 20.04 -35.92 -13.83
CA ASN D 50 20.77 -34.69 -13.56
C ASN D 50 20.16 -33.53 -14.32
N VAL D 51 18.89 -33.25 -14.02
CA VAL D 51 18.21 -32.12 -14.64
C VAL D 51 17.31 -31.39 -13.67
N THR D 52 16.63 -30.39 -14.24
CA THR D 52 15.68 -29.56 -13.52
C THR D 52 14.29 -30.18 -13.54
N GLU D 53 13.42 -29.73 -12.65
CA GLU D 53 12.06 -30.30 -12.55
C GLU D 53 11.26 -29.97 -13.82
N PHE D 54 11.39 -28.73 -14.28
CA PHE D 54 10.72 -28.33 -15.50
C PHE D 54 11.15 -29.19 -16.67
N ASP D 55 12.42 -29.57 -16.69
CA ASP D 55 12.96 -30.36 -17.80
C ASP D 55 12.26 -31.69 -17.92
N ILE D 56 12.04 -32.36 -16.79
CA ILE D 56 11.36 -33.63 -16.82
C ILE D 56 9.88 -33.43 -17.12
N VAL D 57 9.30 -32.33 -16.62
CA VAL D 57 7.90 -32.06 -16.92
C VAL D 57 7.71 -31.90 -18.43
N HIS D 58 8.67 -31.23 -19.06
CA HIS D 58 8.73 -31.11 -20.51
C HIS D 58 8.93 -32.47 -21.15
N ALA D 59 9.72 -33.32 -20.49
CA ALA D 59 10.10 -34.62 -21.02
C ALA D 59 9.05 -35.69 -20.78
N LEU D 60 8.01 -35.33 -20.03
CA LEU D 60 6.88 -36.22 -19.78
C LEU D 60 6.24 -36.65 -21.09
N PRO D 61 5.66 -37.86 -21.12
CA PRO D 61 4.82 -38.32 -22.22
C PRO D 61 3.80 -37.26 -22.61
N GLU D 62 3.44 -37.19 -23.88
CA GLU D 62 2.63 -36.08 -24.36
C GLU D 62 1.30 -36.03 -23.61
N GLU D 63 0.59 -37.15 -23.52
CA GLU D 63 -0.76 -37.20 -22.96
C GLU D 63 -0.87 -36.54 -21.59
N MET D 64 0.23 -36.59 -20.85
CA MET D 64 0.27 -36.10 -19.47
C MET D 64 0.52 -34.61 -19.34
N VAL D 65 1.31 -34.04 -20.24
CA VAL D 65 1.76 -32.65 -20.07
C VAL D 65 1.44 -31.73 -21.25
N ALA D 66 1.06 -30.50 -20.93
CA ALA D 66 0.93 -29.43 -21.90
C ALA D 66 1.66 -28.18 -21.41
N VAL D 67 2.78 -27.84 -22.04
CA VAL D 67 3.57 -26.72 -21.56
C VAL D 67 3.26 -25.41 -22.29
N VAL D 68 2.94 -24.38 -21.51
CA VAL D 68 2.62 -23.05 -22.01
C VAL D 68 3.75 -22.07 -21.65
N ASP D 69 3.94 -21.05 -22.46
CA ASP D 69 4.91 -19.98 -22.19
C ASP D 69 4.46 -19.15 -20.99
N GLY D 70 5.42 -18.53 -20.30
CA GLY D 70 5.13 -17.76 -19.10
C GLY D 70 4.26 -16.55 -19.31
N SER D 71 4.27 -15.99 -20.52
CA SER D 71 3.51 -14.78 -20.82
C SER D 71 2.03 -14.94 -20.50
N HIS D 72 1.51 -16.15 -20.70
CA HIS D 72 0.08 -16.39 -20.52
C HIS D 72 -0.29 -16.70 -19.08
N ALA D 73 0.72 -16.75 -18.21
CA ALA D 73 0.52 -17.04 -16.79
C ALA D 73 -0.63 -16.22 -16.23
N GLN D 74 -0.50 -14.90 -16.33
CA GLN D 74 -1.53 -13.97 -15.88
C GLN D 74 -2.90 -14.46 -16.32
N THR D 75 -3.07 -14.64 -17.62
CA THR D 75 -4.38 -15.03 -18.15
C THR D 75 -4.90 -16.28 -17.47
N ILE D 76 -4.04 -17.31 -17.40
CA ILE D 76 -4.46 -18.55 -16.79
C ILE D 76 -4.98 -18.29 -15.38
N LEU D 77 -4.22 -17.53 -14.58
CA LEU D 77 -4.64 -17.26 -13.22
C LEU D 77 -5.99 -16.54 -13.19
N GLU D 78 -6.18 -15.59 -14.11
CA GLU D 78 -7.42 -14.82 -14.15
C GLU D 78 -8.63 -15.71 -14.39
N SER D 79 -8.40 -16.86 -15.01
CA SER D 79 -9.49 -17.78 -15.31
C SER D 79 -9.91 -18.59 -14.08
N LEU D 80 -8.97 -18.80 -13.17
CA LEU D 80 -9.14 -19.78 -12.07
C LEU D 80 -10.23 -19.53 -11.00
N PRO D 81 -10.52 -18.26 -10.63
CA PRO D 81 -11.55 -18.06 -9.60
C PRO D 81 -12.84 -18.76 -9.88
N GLU D 82 -13.30 -18.66 -11.12
CA GLU D 82 -14.58 -19.26 -11.38
C GLU D 82 -14.46 -20.78 -11.09
N TRP D 83 -13.24 -21.34 -11.11
CA TRP D 83 -13.02 -22.81 -11.01
C TRP D 83 -13.52 -23.41 -9.70
N GLY D 84 -13.62 -22.56 -8.67
CA GLY D 84 -14.01 -23.02 -7.36
C GLY D 84 -12.74 -23.43 -6.65
N PRO D 85 -12.87 -24.28 -5.62
CA PRO D 85 -11.76 -24.74 -4.78
C PRO D 85 -10.66 -25.44 -5.57
N VAL D 86 -9.44 -25.00 -5.33
CA VAL D 86 -8.24 -25.69 -5.76
C VAL D 86 -7.30 -25.75 -4.56
N THR D 87 -6.11 -26.30 -4.75
CA THR D 87 -5.12 -26.31 -3.69
C THR D 87 -3.83 -25.70 -4.18
N THR D 88 -3.41 -24.58 -3.57
CA THR D 88 -2.16 -23.96 -3.96
C THR D 88 -1.03 -24.43 -3.05
N ILE D 89 0.11 -24.80 -3.65
CA ILE D 89 1.21 -25.37 -2.89
C ILE D 89 2.56 -24.75 -3.25
N MET D 90 3.27 -24.26 -2.22
CA MET D 90 4.62 -23.71 -2.42
C MET D 90 5.62 -24.32 -1.45
N THR D 91 6.79 -24.66 -1.98
CA THR D 91 7.86 -25.28 -1.20
C THR D 91 9.01 -24.29 -1.01
N ILE D 92 9.40 -24.08 0.24
CA ILE D 92 10.52 -23.19 0.54
C ILE D 92 11.36 -23.83 1.63
N ALA D 93 12.65 -23.99 1.36
CA ALA D 93 13.61 -24.56 2.30
C ALA D 93 13.17 -25.94 2.81
N GLY D 94 12.48 -26.69 1.97
CA GLY D 94 12.06 -28.05 2.32
C GLY D 94 10.72 -28.10 3.05
N SER D 95 10.23 -26.94 3.46
CA SER D 95 8.90 -26.86 4.07
C SER D 95 7.85 -26.67 2.99
N ILE D 96 6.73 -27.35 3.15
CA ILE D 96 5.66 -27.28 2.18
C ILE D 96 4.50 -26.49 2.77
N PHE D 97 3.85 -25.67 1.95
CA PHE D 97 2.69 -24.91 2.42
C PHE D 97 1.56 -25.10 1.42
N GLU D 98 0.40 -25.45 1.96
CA GLU D 98 -0.77 -25.75 1.16
C GLU D 98 -1.96 -24.94 1.63
N VAL D 99 -2.55 -24.15 0.75
CA VAL D 99 -3.82 -23.52 1.07
C VAL D 99 -4.91 -24.07 0.15
N LYS D 100 -5.93 -24.67 0.76
CA LYS D 100 -7.03 -25.26 0.03
C LYS D 100 -8.22 -24.30 0.02
N ALA D 101 -8.50 -23.73 -1.15
CA ALA D 101 -9.54 -22.72 -1.31
C ALA D 101 -9.68 -22.35 -2.79
N PRO D 102 -10.72 -21.59 -3.16
CA PRO D 102 -10.72 -21.13 -4.55
C PRO D 102 -9.60 -20.14 -4.79
N PHE D 103 -9.12 -20.03 -6.02
CA PHE D 103 -8.06 -19.07 -6.29
C PHE D 103 -8.62 -17.66 -6.29
N PRO D 104 -7.89 -16.73 -5.65
CA PRO D 104 -8.30 -15.33 -5.58
C PRO D 104 -8.18 -14.61 -6.91
N LYS D 105 -9.04 -13.61 -7.11
CA LYS D 105 -8.88 -12.72 -8.25
C LYS D 105 -7.67 -11.83 -8.06
N GLY D 106 -7.06 -11.44 -9.17
CA GLY D 106 -5.85 -10.65 -9.11
C GLY D 106 -5.81 -9.51 -10.12
N LYS D 107 -5.33 -8.35 -9.68
CA LYS D 107 -5.21 -7.20 -10.57
C LYS D 107 -3.75 -6.74 -10.62
N VAL D 108 -3.28 -6.34 -11.80
CA VAL D 108 -1.88 -5.96 -11.97
C VAL D 108 -1.62 -4.51 -11.57
N ALA D 109 -1.00 -4.36 -10.40
CA ALA D 109 -0.63 -3.05 -9.88
C ALA D 109 0.61 -3.19 -9.01
N ARG D 110 1.30 -2.08 -8.76
CA ARG D 110 2.43 -2.05 -7.85
C ARG D 110 3.63 -2.85 -8.41
N GLY D 111 3.52 -3.29 -9.65
CA GLY D 111 4.54 -4.12 -10.27
C GLY D 111 4.32 -5.59 -9.99
N TYR D 112 3.21 -5.89 -9.33
CA TYR D 112 2.83 -7.26 -9.02
C TYR D 112 1.46 -7.60 -9.59
N TYR D 113 1.23 -8.88 -9.79
CA TYR D 113 -0.11 -9.39 -9.98
C TYR D 113 -0.66 -9.60 -8.57
N ASN D 114 -1.39 -8.60 -8.07
CA ASN D 114 -1.79 -8.61 -6.67
C ASN D 114 -3.09 -9.36 -6.44
N LEU D 115 -3.09 -10.19 -5.39
CA LEU D 115 -4.20 -11.09 -5.11
C LEU D 115 -5.23 -10.49 -4.17
N MET D 116 -6.42 -10.27 -4.69
CA MET D 116 -7.51 -9.75 -3.89
C MET D 116 -8.23 -10.90 -3.19
N GLY D 117 -7.44 -11.69 -2.47
CA GLY D 117 -7.94 -12.84 -1.75
C GLY D 117 -9.08 -12.52 -0.81
N ARG D 118 -10.16 -13.27 -0.95
CA ARG D 118 -11.25 -13.15 0.01
C ARG D 118 -10.80 -13.73 1.33
N ASP D 119 -11.67 -13.63 2.32
CA ASP D 119 -11.42 -14.21 3.62
C ASP D 119 -11.27 -15.72 3.46
N GLY D 120 -10.20 -16.27 4.02
CA GLY D 120 -9.91 -17.67 3.84
C GLY D 120 -9.43 -17.98 2.44
N GLU D 121 -8.64 -17.06 1.87
CA GLU D 121 -8.04 -17.29 0.56
C GLU D 121 -6.57 -16.87 0.55
N LEU D 122 -5.87 -17.22 -0.54
CA LEU D 122 -4.52 -16.75 -0.77
C LEU D 122 -4.51 -15.23 -0.81
N HIS D 123 -3.41 -14.60 -0.40
CA HIS D 123 -3.41 -13.15 -0.30
C HIS D 123 -2.17 -12.44 -0.84
N GLY D 124 -1.19 -13.20 -1.31
CA GLY D 124 0.09 -12.61 -1.66
C GLY D 124 0.17 -11.73 -2.90
N HIS D 125 1.39 -11.35 -3.26
CA HIS D 125 1.66 -10.59 -4.47
C HIS D 125 2.58 -11.40 -5.38
N LEU D 126 2.19 -11.55 -6.64
CA LEU D 126 2.91 -12.45 -7.55
C LEU D 126 3.78 -11.70 -8.56
N LYS D 127 5.03 -12.16 -8.68
CA LYS D 127 5.96 -11.62 -9.65
C LYS D 127 5.93 -12.46 -10.93
N LEU D 128 4.91 -12.23 -11.76
CA LEU D 128 4.62 -13.11 -12.88
C LEU D 128 5.68 -13.10 -13.98
N GLU D 129 6.53 -12.08 -13.96
CA GLU D 129 7.58 -11.95 -14.95
C GLU D 129 8.67 -12.98 -14.68
N ASN D 130 8.77 -13.43 -13.43
CA ASN D 130 9.72 -14.47 -13.04
C ASN D 130 9.31 -15.85 -13.53
N ILE D 131 8.02 -16.01 -13.80
CA ILE D 131 7.49 -17.27 -14.32
C ILE D 131 7.75 -17.39 -15.82
N SER D 132 8.67 -18.27 -16.18
CA SER D 132 8.99 -18.52 -17.58
C SER D 132 8.04 -19.53 -18.23
N HIS D 133 7.50 -20.45 -17.44
CA HIS D 133 6.68 -21.53 -17.98
C HIS D 133 5.50 -21.91 -17.11
N VAL D 134 4.38 -22.25 -17.75
CA VAL D 134 3.24 -22.78 -17.03
C VAL D 134 2.82 -24.11 -17.65
N ALA D 135 3.15 -25.21 -16.97
CA ALA D 135 2.77 -26.54 -17.44
C ALA D 135 1.45 -27.00 -16.84
N LEU D 136 0.62 -27.60 -17.68
CA LEU D 136 -0.55 -28.34 -17.22
C LEU D 136 -0.13 -29.79 -17.13
N VAL D 137 -0.08 -30.31 -15.91
CA VAL D 137 0.43 -31.65 -15.66
C VAL D 137 -0.64 -32.59 -15.12
N SER D 138 -0.77 -33.75 -15.75
CA SER D 138 -1.69 -34.80 -15.33
C SER D 138 -0.92 -36.05 -14.91
N LYS D 139 -0.57 -36.10 -13.63
CA LYS D 139 0.20 -37.20 -13.10
C LYS D 139 -0.46 -37.66 -11.81
N PRO D 140 -0.62 -38.99 -11.64
CA PRO D 140 -1.29 -39.50 -10.44
C PRO D 140 -0.52 -39.24 -9.15
N PHE D 141 -1.23 -38.79 -8.14
CA PHE D 141 -0.65 -38.51 -6.84
C PHE D 141 -1.10 -39.57 -5.83
N MET D 142 -0.13 -40.28 -5.26
CA MET D 142 -0.38 -41.39 -4.34
C MET D 142 -1.34 -42.42 -4.90
N GLY D 143 -1.20 -42.70 -6.20
CA GLY D 143 -1.98 -43.74 -6.83
C GLY D 143 -3.36 -43.30 -7.31
N ARG D 144 -3.74 -42.06 -7.03
CA ARG D 144 -5.01 -41.54 -7.53
C ARG D 144 -4.81 -40.47 -8.61
N GLU D 145 -5.78 -40.35 -9.50
CA GLU D 145 -5.75 -39.31 -10.53
C GLU D 145 -5.50 -37.93 -9.96
N SER D 146 -4.59 -37.18 -10.56
CA SER D 146 -4.27 -35.84 -10.07
C SER D 146 -3.83 -34.90 -11.19
N HIS D 147 -4.35 -33.69 -11.17
CA HIS D 147 -3.98 -32.67 -12.16
C HIS D 147 -3.57 -31.36 -11.47
N TYR D 148 -2.63 -30.63 -12.06
CA TYR D 148 -2.25 -29.33 -11.51
C TYR D 148 -1.56 -28.42 -12.51
N PHE D 149 -1.69 -27.12 -12.26
CA PHE D 149 -0.86 -26.13 -12.94
C PHE D 149 0.49 -26.00 -12.25
N GLY D 150 1.57 -26.29 -12.98
CA GLY D 150 2.91 -26.08 -12.45
C GLY D 150 3.52 -24.83 -13.03
N PHE D 151 4.02 -23.95 -12.16
CA PHE D 151 4.68 -22.73 -12.62
C PHE D 151 6.18 -22.85 -12.39
N PHE D 152 6.97 -22.58 -13.42
CA PHE D 152 8.42 -22.71 -13.31
C PHE D 152 9.13 -21.38 -13.61
N THR D 153 10.29 -21.16 -13.00
CA THR D 153 11.10 -19.96 -13.22
C THR D 153 11.95 -20.11 -14.47
N ALA D 154 12.82 -19.14 -14.74
CA ALA D 154 13.73 -19.20 -15.88
C ALA D 154 14.76 -20.31 -15.70
N GLN D 155 15.12 -20.55 -14.45
CA GLN D 155 15.87 -21.75 -14.10
C GLN D 155 14.85 -22.89 -14.15
N GLY D 156 15.26 -24.11 -13.82
CA GLY D 156 14.29 -25.18 -13.93
C GLY D 156 13.31 -25.27 -12.77
N GLU D 157 13.60 -24.53 -11.70
CA GLU D 157 12.92 -24.77 -10.44
C GLU D 157 11.45 -24.36 -10.45
N ASN D 158 10.70 -24.91 -9.50
CA ASN D 158 9.26 -24.76 -9.43
C ASN D 158 8.82 -23.65 -8.49
N ALA D 159 8.18 -22.62 -9.04
CA ALA D 159 7.72 -21.50 -8.23
C ALA D 159 6.56 -21.92 -7.33
N PHE D 160 5.54 -22.56 -7.93
CA PHE D 160 4.45 -23.15 -7.17
C PHE D 160 3.53 -24.04 -8.02
N LYS D 161 2.59 -24.68 -7.33
CA LYS D 161 1.62 -25.56 -7.96
C LYS D 161 0.19 -25.18 -7.61
N ILE D 162 -0.74 -25.53 -8.49
CA ILE D 162 -2.16 -25.42 -8.22
C ILE D 162 -2.86 -26.70 -8.61
N TYR D 163 -3.02 -27.60 -7.63
CA TYR D 163 -3.75 -28.84 -7.84
C TYR D 163 -5.23 -28.58 -7.93
N LEU D 164 -5.92 -29.40 -8.72
CA LEU D 164 -7.35 -29.28 -8.84
C LEU D 164 -8.02 -29.65 -7.53
N GLY D 165 -9.19 -29.07 -7.26
CA GLY D 165 -9.87 -29.27 -6.00
C GLY D 165 -10.58 -30.61 -5.90
N ARG D 166 -11.02 -30.93 -4.68
CA ARG D 166 -11.83 -32.12 -4.43
C ARG D 166 -12.96 -31.76 -3.49
N ASP D 167 -14.06 -32.50 -3.55
CA ASP D 167 -15.18 -32.23 -2.65
C ASP D 167 -14.94 -32.88 -1.30
N GLU D 168 -15.92 -32.77 -0.42
CA GLU D 168 -15.84 -33.43 0.89
C GLU D 168 -15.65 -34.94 0.73
N LYS D 169 -16.20 -35.49 -0.36
CA LYS D 169 -16.09 -36.92 -0.61
C LYS D 169 -14.76 -37.28 -1.26
N ARG D 170 -13.90 -36.28 -1.41
CA ARG D 170 -12.56 -36.43 -1.96
C ARG D 170 -12.55 -36.75 -3.46
N GLU D 171 -13.64 -36.46 -4.16
CA GLU D 171 -13.64 -36.65 -5.61
C GLU D 171 -13.24 -35.37 -6.33
N LEU D 172 -12.46 -35.52 -7.39
CA LEU D 172 -12.12 -34.41 -8.27
C LEU D 172 -13.40 -33.75 -8.77
N ILE D 173 -13.31 -32.47 -9.12
CA ILE D 173 -14.46 -31.75 -9.65
C ILE D 173 -14.51 -31.92 -11.15
N PRO D 174 -15.62 -32.48 -11.65
CA PRO D 174 -15.74 -32.88 -13.06
C PRO D 174 -15.56 -31.71 -14.00
N GLU D 175 -16.19 -30.59 -13.69
CA GLU D 175 -16.01 -29.40 -14.50
C GLU D 175 -14.49 -29.11 -14.63
N GLN D 176 -13.86 -28.74 -13.53
CA GLN D 176 -12.41 -28.52 -13.49
C GLN D 176 -11.60 -29.49 -14.37
N VAL D 177 -11.85 -30.78 -14.25
CA VAL D 177 -11.09 -31.77 -15.02
C VAL D 177 -11.35 -31.64 -16.51
N ALA D 178 -12.61 -31.45 -16.86
CA ALA D 178 -12.97 -31.27 -18.27
C ALA D 178 -12.18 -30.11 -18.88
N ARG D 179 -12.13 -28.96 -18.19
CA ARG D 179 -11.49 -27.80 -18.81
C ARG D 179 -10.05 -28.00 -18.86
N PHE D 180 -9.55 -28.57 -17.77
CA PHE D 180 -8.13 -28.83 -17.69
C PHE D 180 -7.69 -29.63 -18.90
N LYS D 181 -8.43 -30.67 -19.25
CA LYS D 181 -8.08 -31.50 -20.39
C LYS D 181 -8.22 -30.73 -21.71
N ALA D 182 -9.28 -29.92 -21.81
CA ALA D 182 -9.46 -29.09 -23.00
C ALA D 182 -8.29 -28.13 -23.20
N MET D 183 -7.84 -27.51 -22.10
CA MET D 183 -6.70 -26.61 -22.12
C MET D 183 -5.43 -27.35 -22.47
N GLN D 184 -5.32 -28.60 -22.05
CA GLN D 184 -4.18 -29.42 -22.45
C GLN D 184 -4.20 -29.63 -23.95
N GLN D 185 -5.39 -29.81 -24.50
CA GLN D 185 -5.54 -29.99 -25.95
C GLN D 185 -5.13 -28.71 -26.67
N GLN D 186 -5.62 -27.58 -26.17
CA GLN D 186 -5.27 -26.24 -26.62
C GLN D 186 -3.78 -26.05 -26.88
N HIS D 187 -2.97 -26.37 -25.87
CA HIS D 187 -1.55 -26.06 -25.88
C HIS D 187 -0.70 -27.30 -26.15
N LYS D 188 -1.32 -28.29 -26.77
CA LYS D 188 -0.61 -29.49 -27.23
C LYS D 188 -0.40 -29.42 -28.74
N MET E 23 -10.00 55.20 37.86
CA MET E 23 -9.34 55.02 36.57
C MET E 23 -7.93 55.60 36.53
N GLU E 24 -6.94 54.76 36.77
CA GLU E 24 -5.57 55.21 36.84
C GLU E 24 -4.77 54.51 35.75
N SER E 25 -3.51 54.90 35.62
CA SER E 25 -2.65 54.30 34.62
C SER E 25 -2.39 52.89 35.05
N LEU E 26 -2.02 52.05 34.10
CA LEU E 26 -1.73 50.65 34.38
C LEU E 26 -0.59 50.61 35.37
N GLN E 27 0.35 51.52 35.21
CA GLN E 27 1.46 51.63 36.12
C GLN E 27 0.95 51.91 37.51
N GLN E 28 -0.08 52.74 37.63
CA GLN E 28 -0.65 53.03 38.92
C GLN E 28 -1.45 51.86 39.48
N GLN E 29 -2.16 51.15 38.61
CA GLN E 29 -2.88 49.98 39.07
C GLN E 29 -1.93 48.91 39.58
N VAL E 30 -0.83 48.70 38.87
CA VAL E 30 0.17 47.71 39.25
C VAL E 30 0.86 48.05 40.56
N ALA E 31 1.23 49.31 40.73
CA ALA E 31 1.94 49.72 41.92
C ALA E 31 1.05 49.52 43.12
N GLN E 32 -0.22 49.82 42.94
CA GLN E 32 -1.20 49.65 43.99
C GLN E 32 -1.27 48.18 44.35
N LEU E 33 -1.23 47.34 43.33
CA LEU E 33 -1.32 45.90 43.53
C LEU E 33 -0.16 45.37 44.34
N LEU E 34 1.01 45.94 44.11
CA LEU E 34 2.21 45.52 44.80
C LEU E 34 2.02 45.70 46.29
N GLU E 35 1.67 46.92 46.65
CA GLU E 35 1.51 47.30 48.04
C GLU E 35 0.39 46.54 48.73
N GLN E 36 -0.70 46.34 48.01
CA GLN E 36 -1.86 45.68 48.59
C GLN E 36 -1.75 44.16 48.60
N GLN E 37 -1.29 43.58 47.49
CA GLN E 37 -1.15 42.13 47.40
C GLN E 37 0.25 41.74 46.98
N PRO E 38 1.24 41.82 47.97
CA PRO E 38 2.61 41.57 47.48
C PRO E 38 2.80 40.17 46.90
N THR E 39 2.14 39.20 47.47
CA THR E 39 2.37 37.80 47.14
C THR E 39 2.08 37.52 45.68
N LEU E 40 1.09 38.19 45.12
CA LEU E 40 0.68 37.99 43.74
C LEU E 40 1.84 37.91 42.74
N LEU E 41 1.83 36.87 41.92
CA LEU E 41 2.78 36.73 40.82
C LEU E 41 2.31 37.56 39.67
N PRO E 42 3.31 37.95 38.76
CA PRO E 42 2.80 38.84 37.69
C PRO E 42 1.74 38.18 36.84
N ALA E 43 1.83 36.88 36.64
CA ALA E 43 0.85 36.18 35.84
C ALA E 43 -0.51 36.31 36.46
N ALA E 44 -0.55 36.21 37.78
CA ALA E 44 -1.80 36.33 38.52
C ALA E 44 -2.30 37.76 38.38
N MET E 45 -1.36 38.69 38.37
CA MET E 45 -1.67 40.09 38.22
C MET E 45 -2.30 40.33 36.86
N ALA E 46 -1.80 39.62 35.85
CA ALA E 46 -2.24 39.82 34.49
C ALA E 46 -3.71 39.52 34.32
N GLU E 47 -4.19 38.47 34.96
CA GLU E 47 -5.60 38.18 34.97
C GLU E 47 -6.37 39.28 35.66
N GLN E 48 -5.81 39.81 36.74
CA GLN E 48 -6.53 40.79 37.53
C GLN E 48 -6.84 42.05 36.76
N LEU E 49 -5.86 42.54 36.02
CA LEU E 49 -6.06 43.75 35.25
C LEU E 49 -6.48 43.46 33.82
N ASN E 50 -6.50 42.18 33.47
CA ASN E 50 -6.87 41.75 32.13
C ASN E 50 -5.90 42.23 31.05
N VAL E 51 -4.63 41.95 31.26
CA VAL E 51 -3.57 42.27 30.31
C VAL E 51 -2.60 41.10 30.19
N THR E 52 -1.62 41.22 29.31
CA THR E 52 -0.60 40.20 29.18
C THR E 52 0.42 40.36 30.30
N GLU E 53 1.22 39.34 30.52
CA GLU E 53 2.21 39.38 31.59
C GLU E 53 3.25 40.46 31.39
N PHE E 54 3.61 40.69 30.14
CA PHE E 54 4.64 41.67 29.84
C PHE E 54 4.18 43.06 30.22
N ASP E 55 2.89 43.29 30.11
CA ASP E 55 2.35 44.59 30.39
C ASP E 55 2.54 44.96 31.85
N ILE E 56 2.35 44.00 32.73
CA ILE E 56 2.57 44.20 34.15
C ILE E 56 4.04 44.38 34.44
N VAL E 57 4.86 43.49 33.90
CA VAL E 57 6.28 43.54 34.14
C VAL E 57 6.82 44.84 33.62
N HIS E 58 6.33 45.25 32.47
CA HIS E 58 6.68 46.54 31.90
C HIS E 58 6.16 47.69 32.76
N ALA E 59 4.97 47.52 33.31
CA ALA E 59 4.35 48.51 34.18
C ALA E 59 4.99 48.60 35.57
N LEU E 60 5.81 47.62 35.92
CA LEU E 60 6.39 47.55 37.25
C LEU E 60 7.23 48.78 37.49
N PRO E 61 7.34 49.19 38.83
CA PRO E 61 8.19 50.38 39.00
C PRO E 61 9.54 50.32 38.28
N GLU E 62 10.04 51.49 37.89
CA GLU E 62 11.17 51.58 37.00
C GLU E 62 12.44 50.94 37.54
N GLU E 63 12.67 51.08 38.83
CA GLU E 63 13.81 50.46 39.48
C GLU E 63 13.70 48.94 39.40
N MET E 64 12.47 48.46 39.41
CA MET E 64 12.20 47.04 39.53
C MET E 64 12.42 46.17 38.30
N VAL E 65 12.50 46.75 37.12
CA VAL E 65 12.73 45.93 35.93
C VAL E 65 13.57 46.55 34.82
N ALA E 66 14.23 45.70 34.05
CA ALA E 66 14.86 46.12 32.81
C ALA E 66 14.35 45.25 31.70
N VAL E 67 13.97 45.86 30.58
CA VAL E 67 13.53 45.09 29.43
C VAL E 67 14.54 45.21 28.31
N VAL E 68 14.98 44.06 27.81
CA VAL E 68 15.96 44.03 26.75
C VAL E 68 15.38 43.31 25.56
N ASP E 69 15.89 43.59 24.38
CA ASP E 69 15.39 43.00 23.17
C ASP E 69 15.59 41.50 23.13
N GLY E 70 14.64 40.78 22.57
CA GLY E 70 14.76 39.35 22.48
C GLY E 70 15.88 38.96 21.56
N SER E 71 16.34 39.92 20.78
CA SER E 71 17.45 39.72 19.87
C SER E 71 18.71 39.36 20.66
N HIS E 72 18.78 39.81 21.89
CA HIS E 72 19.94 39.54 22.72
C HIS E 72 19.73 38.36 23.63
N ALA E 73 18.63 37.65 23.46
CA ALA E 73 18.28 36.58 24.38
C ALA E 73 19.33 35.48 24.38
N GLN E 74 19.83 35.13 23.21
CA GLN E 74 20.81 34.07 23.09
C GLN E 74 22.11 34.44 23.76
N THR E 75 22.49 35.70 23.64
CA THR E 75 23.71 36.17 24.24
C THR E 75 23.63 36.04 25.75
N ILE E 76 22.47 36.37 26.30
CA ILE E 76 22.28 36.27 27.73
C ILE E 76 22.36 34.84 28.22
N LEU E 77 21.76 33.92 27.49
CA LEU E 77 21.76 32.52 27.89
C LEU E 77 23.15 31.93 27.80
N GLU E 78 23.94 32.44 26.87
CA GLU E 78 25.32 32.01 26.71
C GLU E 78 26.16 32.33 27.94
N SER E 79 25.89 33.48 28.54
CA SER E 79 26.52 33.93 29.77
C SER E 79 26.25 33.08 31.01
N LEU E 80 25.03 32.54 31.08
CA LEU E 80 24.50 31.90 32.27
C LEU E 80 25.24 30.67 32.76
N PRO E 81 25.85 29.88 31.78
CA PRO E 81 26.45 28.64 32.30
C PRO E 81 27.51 28.93 33.37
N GLU E 82 28.26 30.00 33.20
CA GLU E 82 29.24 30.41 34.19
C GLU E 82 28.58 30.73 35.52
N TRP E 83 27.42 31.37 35.47
CA TRP E 83 26.76 31.84 36.67
C TRP E 83 26.72 30.83 37.81
N GLY E 84 26.45 29.59 37.48
CA GLY E 84 26.26 28.56 38.49
C GLY E 84 24.83 28.06 38.50
N PRO E 85 24.42 27.38 39.57
CA PRO E 85 23.08 26.80 39.68
C PRO E 85 21.97 27.86 39.70
N VAL E 86 20.93 27.64 38.92
CA VAL E 86 19.77 28.53 38.89
C VAL E 86 18.53 27.68 38.81
N THR E 87 17.36 28.30 38.89
CA THR E 87 16.11 27.56 38.79
C THR E 87 15.29 28.03 37.61
N THR E 88 15.11 27.16 36.63
CA THR E 88 14.36 27.47 35.44
C THR E 88 12.94 26.95 35.60
N ILE E 89 11.98 27.85 35.56
CA ILE E 89 10.60 27.49 35.82
C ILE E 89 9.74 27.74 34.60
N MET E 90 8.77 26.88 34.37
CA MET E 90 7.85 27.05 33.26
C MET E 90 6.47 26.63 33.69
N THR E 91 5.46 27.15 33.01
CA THR E 91 4.09 26.87 33.39
C THR E 91 3.24 26.43 32.22
N ILE E 92 2.73 25.21 32.30
CA ILE E 92 1.82 24.70 31.28
C ILE E 92 0.57 24.14 31.92
N ALA E 93 -0.58 24.63 31.50
CA ALA E 93 -1.85 24.06 31.91
C ALA E 93 -1.97 24.06 33.42
N GLY E 94 -1.46 25.09 34.06
CA GLY E 94 -1.59 25.23 35.49
C GLY E 94 -0.60 24.39 36.23
N SER E 95 0.22 23.66 35.47
CA SER E 95 1.25 22.83 36.06
C SER E 95 2.55 23.60 36.03
N ILE E 96 3.26 23.58 37.14
CA ILE E 96 4.50 24.32 37.24
C ILE E 96 5.69 23.38 37.37
N PHE E 97 6.68 23.56 36.50
CA PHE E 97 7.83 22.68 36.46
C PHE E 97 9.10 23.45 36.75
N GLU E 98 9.91 22.95 37.66
CA GLU E 98 11.14 23.63 38.02
C GLU E 98 12.36 22.74 37.89
N VAL E 99 13.44 23.29 37.35
CA VAL E 99 14.68 22.55 37.23
C VAL E 99 15.75 23.29 37.99
N LYS E 100 16.15 22.75 39.13
CA LYS E 100 17.20 23.36 39.91
C LYS E 100 18.50 22.76 39.47
N ALA E 101 19.25 23.48 38.66
CA ALA E 101 20.54 22.98 38.19
C ALA E 101 21.28 24.11 37.50
N PRO E 102 22.56 23.97 37.20
CA PRO E 102 23.16 25.08 36.44
C PRO E 102 22.54 25.15 35.06
N PHE E 103 22.81 26.21 34.32
CA PHE E 103 22.26 26.30 32.98
C PHE E 103 23.21 25.70 31.97
N PRO E 104 22.67 24.91 31.06
CA PRO E 104 23.47 24.21 30.07
C PRO E 104 24.04 25.14 29.01
N LYS E 105 25.19 24.78 28.47
CA LYS E 105 25.78 25.51 27.37
C LYS E 105 24.88 25.25 26.16
N GLY E 106 25.02 26.06 25.13
CA GLY E 106 24.20 25.86 23.95
C GLY E 106 24.82 26.27 22.64
N LYS E 107 24.30 25.68 21.57
CA LYS E 107 24.73 26.00 20.22
C LYS E 107 23.51 25.98 19.32
N VAL E 108 23.45 26.93 18.40
CA VAL E 108 22.30 27.08 17.52
C VAL E 108 22.40 26.14 16.34
N ALA E 109 21.46 25.20 16.24
CA ALA E 109 21.48 24.27 15.13
C ALA E 109 20.09 24.02 14.58
N ARG E 110 19.95 24.12 13.27
CA ARG E 110 18.64 23.92 12.65
C ARG E 110 17.65 24.96 13.19
N GLY E 111 16.49 24.51 13.64
CA GLY E 111 15.48 25.41 14.17
C GLY E 111 15.82 26.19 15.43
N TYR E 112 16.48 25.56 16.39
CA TYR E 112 16.61 26.13 17.72
C TYR E 112 18.01 26.41 18.24
N TYR E 113 18.06 26.72 19.52
CA TYR E 113 19.27 26.85 20.30
C TYR E 113 19.24 25.62 21.18
N ASN E 114 20.15 24.70 20.92
CA ASN E 114 20.07 23.38 21.50
C ASN E 114 20.94 23.30 22.74
N LEU E 115 20.40 22.72 23.78
CA LEU E 115 21.07 22.69 25.06
C LEU E 115 21.92 21.45 25.25
N MET E 116 23.11 21.65 25.78
CA MET E 116 24.05 20.56 26.02
C MET E 116 24.10 20.25 27.50
N GLY E 117 23.20 19.41 27.97
CA GLY E 117 23.08 19.14 29.38
C GLY E 117 23.90 17.95 29.83
N ARG E 118 24.45 18.07 31.04
CA ARG E 118 25.23 16.99 31.63
C ARG E 118 24.66 16.66 32.99
N ASP E 119 24.24 15.42 33.18
CA ASP E 119 23.70 15.03 34.47
C ASP E 119 22.45 15.86 34.80
N GLY E 120 22.49 16.56 35.92
CA GLY E 120 21.34 17.29 36.45
C GLY E 120 20.83 18.40 35.59
N GLU E 121 21.69 18.94 34.74
CA GLU E 121 21.36 20.09 33.92
C GLU E 121 20.20 19.77 33.00
N LEU E 122 19.42 20.78 32.68
CA LEU E 122 18.25 20.62 31.82
C LEU E 122 18.63 20.48 30.34
N HIS E 123 17.83 19.71 29.61
CA HIS E 123 18.04 19.46 28.21
C HIS E 123 16.84 19.94 27.42
N GLY E 124 17.09 20.59 26.30
CA GLY E 124 16.00 20.99 25.45
C GLY E 124 16.41 21.71 24.20
N HIS E 125 15.42 22.19 23.47
CA HIS E 125 15.63 23.04 22.33
C HIS E 125 14.75 24.26 22.46
N LEU E 126 15.36 25.43 22.53
CA LEU E 126 14.62 26.66 22.72
C LEU E 126 14.61 27.45 21.44
N LYS E 127 13.43 27.93 21.07
CA LYS E 127 13.21 28.75 19.90
C LYS E 127 13.40 30.19 20.29
N LEU E 128 14.64 30.66 20.25
CA LEU E 128 14.94 32.01 20.63
C LEU E 128 14.32 33.02 19.69
N GLU E 129 14.07 32.60 18.46
CA GLU E 129 13.43 33.46 17.46
C GLU E 129 12.04 33.85 17.90
N ASN E 130 11.40 32.99 18.66
CA ASN E 130 10.03 33.22 19.10
C ASN E 130 9.96 33.89 20.47
N ILE E 131 11.06 34.48 20.87
CA ILE E 131 11.11 35.30 22.08
C ILE E 131 11.35 36.76 21.70
N SER E 132 10.30 37.57 21.78
CA SER E 132 10.43 38.98 21.42
C SER E 132 11.16 39.81 22.46
N HIS E 133 10.99 39.47 23.72
CA HIS E 133 11.57 40.29 24.77
C HIS E 133 12.09 39.49 25.95
N VAL E 134 13.18 39.98 26.53
CA VAL E 134 13.75 39.38 27.72
C VAL E 134 13.76 40.42 28.82
N ALA E 135 13.30 40.04 29.99
CA ALA E 135 13.22 40.97 31.10
C ALA E 135 14.04 40.52 32.31
N LEU E 136 14.76 41.46 32.90
CA LEU E 136 15.42 41.22 34.17
C LEU E 136 14.56 41.82 35.25
N VAL E 137 13.80 40.97 35.94
CA VAL E 137 12.89 41.45 36.97
C VAL E 137 13.39 41.17 38.38
N SER E 138 13.39 42.19 39.20
CA SER E 138 13.72 42.06 40.60
C SER E 138 12.46 42.23 41.42
N LYS E 139 11.73 41.15 41.60
CA LYS E 139 10.51 41.18 42.37
C LYS E 139 10.56 40.15 43.48
N PRO E 140 10.22 40.62 44.77
CA PRO E 140 10.35 39.60 45.81
C PRO E 140 9.40 38.45 45.62
N PHE E 141 9.83 37.25 45.93
CA PHE E 141 9.00 36.07 45.78
C PHE E 141 8.71 35.46 47.13
N MET E 142 7.43 35.33 47.46
CA MET E 142 7.01 34.78 48.74
C MET E 142 7.62 35.53 49.90
N GLY E 143 7.69 36.84 49.80
CA GLY E 143 8.20 37.67 50.88
C GLY E 143 9.71 37.74 50.94
N ARG E 144 10.39 37.15 49.97
CA ARG E 144 11.85 37.16 49.99
C ARG E 144 12.44 37.81 48.75
N GLU E 145 13.63 38.37 48.89
CA GLU E 145 14.31 38.97 47.77
C GLU E 145 14.46 37.93 46.67
N SER E 146 14.25 38.34 45.42
CA SER E 146 14.23 37.40 44.32
C SER E 146 14.49 38.08 42.99
N HIS E 147 15.12 37.36 42.07
CA HIS E 147 15.39 37.86 40.74
C HIS E 147 15.22 36.78 39.70
N TYR E 148 14.67 37.13 38.55
CA TYR E 148 14.54 36.16 37.47
C TYR E 148 14.65 36.76 36.09
N PHE E 149 15.10 35.95 35.14
CA PHE E 149 15.10 36.33 33.74
C PHE E 149 13.80 35.82 33.16
N GLY E 150 13.07 36.70 32.49
CA GLY E 150 11.80 36.35 31.89
C GLY E 150 11.86 36.43 30.39
N PHE E 151 11.30 35.42 29.73
CA PHE E 151 11.30 35.36 28.28
C PHE E 151 9.89 35.44 27.72
N PHE E 152 9.65 36.42 26.86
CA PHE E 152 8.30 36.72 26.41
C PHE E 152 8.09 36.53 24.92
N THR E 153 6.92 36.05 24.58
CA THR E 153 6.48 35.92 23.21
C THR E 153 6.06 37.29 22.69
N ALA E 154 5.85 37.40 21.39
CA ALA E 154 5.33 38.63 20.79
C ALA E 154 3.94 38.97 21.30
N GLN E 155 3.16 37.93 21.58
CA GLN E 155 1.83 38.04 22.14
C GLN E 155 1.91 38.64 23.53
N GLY E 156 3.09 38.53 24.14
CA GLY E 156 3.32 39.03 25.48
C GLY E 156 3.19 38.01 26.59
N GLU E 157 2.99 36.75 26.22
CA GLU E 157 2.94 35.69 27.20
C GLU E 157 4.35 35.33 27.68
N ASN E 158 4.45 34.88 28.92
CA ASN E 158 5.72 34.47 29.48
C ASN E 158 6.02 33.05 29.10
N ALA E 159 7.06 32.85 28.31
CA ALA E 159 7.48 31.51 27.94
C ALA E 159 8.01 30.75 29.15
N PHE E 160 9.18 31.16 29.63
CA PHE E 160 9.78 30.54 30.79
C PHE E 160 10.52 31.56 31.63
N LYS E 161 10.76 31.21 32.89
CA LYS E 161 11.51 32.07 33.80
C LYS E 161 12.80 31.40 34.23
N ILE E 162 13.85 32.20 34.38
CA ILE E 162 15.07 31.70 34.98
C ILE E 162 15.32 32.48 36.25
N TYR E 163 15.38 31.77 37.37
CA TYR E 163 15.46 32.38 38.67
C TYR E 163 16.84 32.20 39.22
N LEU E 164 17.40 33.23 39.82
CA LEU E 164 18.70 33.11 40.44
C LEU E 164 18.68 31.99 41.46
N GLY E 165 19.81 31.31 41.61
CA GLY E 165 19.89 30.16 42.49
C GLY E 165 20.10 30.46 43.96
N ARG E 166 19.66 29.52 44.78
CA ARG E 166 19.76 29.59 46.22
C ARG E 166 20.65 28.48 46.74
N ASP E 167 21.41 28.78 47.78
CA ASP E 167 22.26 27.79 48.41
C ASP E 167 21.46 26.92 49.35
N GLU E 168 22.13 25.96 49.97
CA GLU E 168 21.50 24.98 50.84
C GLU E 168 20.78 25.68 52.00
N LYS E 169 21.36 26.77 52.45
CA LYS E 169 20.82 27.55 53.57
C LYS E 169 19.67 28.45 53.12
N ARG E 170 19.33 28.39 51.84
CA ARG E 170 18.18 29.09 51.31
C ARG E 170 18.42 30.54 50.95
N GLU E 171 19.68 30.93 50.84
CA GLU E 171 19.99 32.30 50.47
C GLU E 171 20.51 32.41 49.03
N LEU E 172 20.33 33.57 48.43
CA LEU E 172 20.80 33.85 47.10
C LEU E 172 22.29 33.71 47.03
N ILE E 173 22.85 33.85 45.84
CA ILE E 173 24.28 33.79 45.65
C ILE E 173 24.79 35.19 45.37
N PRO E 174 25.81 35.65 46.21
CA PRO E 174 26.18 37.05 45.97
C PRO E 174 26.64 37.30 44.56
N GLU E 175 27.38 36.37 43.98
CA GLU E 175 27.93 36.57 42.65
C GLU E 175 26.83 36.75 41.62
N GLN E 176 25.78 35.95 41.72
CA GLN E 176 24.68 36.03 40.76
C GLN E 176 23.95 37.35 40.83
N VAL E 177 23.72 37.83 42.04
CA VAL E 177 23.01 39.07 42.24
C VAL E 177 23.78 40.28 41.74
N ALA E 178 25.09 40.26 41.94
CA ALA E 178 25.96 41.33 41.48
C ALA E 178 25.98 41.42 39.98
N ARG E 179 25.95 40.27 39.33
CA ARG E 179 25.99 40.19 37.88
C ARG E 179 24.66 40.62 37.30
N PHE E 180 23.60 40.10 37.88
CA PHE E 180 22.24 40.44 37.47
C PHE E 180 21.94 41.91 37.68
N LYS E 181 22.34 42.45 38.82
CA LYS E 181 22.10 43.86 39.09
C LYS E 181 22.84 44.73 38.10
N ALA E 182 24.07 44.35 37.77
CA ALA E 182 24.87 45.09 36.81
C ALA E 182 24.23 45.03 35.44
N MET E 183 23.63 43.89 35.13
CA MET E 183 22.99 43.68 33.85
C MET E 183 21.76 44.54 33.70
N GLN E 184 21.00 44.67 34.78
CA GLN E 184 19.84 45.53 34.79
C GLN E 184 20.31 46.94 34.57
N GLN E 185 21.41 47.30 35.20
CA GLN E 185 21.90 48.65 35.14
C GLN E 185 22.26 49.01 33.72
N GLN E 186 22.85 48.07 33.00
CA GLN E 186 23.22 48.32 31.61
C GLN E 186 22.01 48.65 30.75
N HIS E 187 21.04 47.76 30.77
CA HIS E 187 19.87 47.87 29.91
C HIS E 187 18.88 48.94 30.35
N LYS E 188 19.07 49.45 31.56
CA LYS E 188 18.40 50.66 32.02
C LYS E 188 18.93 51.84 31.25
N GLN E 189 20.13 51.68 30.70
CA GLN E 189 20.82 52.71 29.93
C GLN E 189 21.62 53.62 30.84
N MET F 23 -14.30 14.02 1.72
CA MET F 23 -14.88 14.20 3.03
C MET F 23 -15.02 12.88 3.81
N GLU F 24 -14.05 12.60 4.66
CA GLU F 24 -14.03 11.36 5.40
C GLU F 24 -14.10 11.66 6.88
N SER F 25 -14.18 10.62 7.69
CA SER F 25 -14.24 10.78 9.12
C SER F 25 -12.89 11.27 9.57
N LEU F 26 -12.85 11.90 10.74
CA LEU F 26 -11.61 12.42 11.28
C LEU F 26 -10.67 11.25 11.47
N GLN F 27 -11.23 10.13 11.87
CA GLN F 27 -10.46 8.93 12.04
C GLN F 27 -9.83 8.54 10.71
N GLN F 28 -10.56 8.71 9.62
CA GLN F 28 -10.03 8.41 8.31
C GLN F 28 -9.00 9.43 7.86
N GLN F 29 -9.22 10.69 8.18
CA GLN F 29 -8.24 11.71 7.83
C GLN F 29 -6.93 11.48 8.57
N VAL F 30 -7.03 11.13 9.85
CA VAL F 30 -5.85 10.87 10.67
C VAL F 30 -5.06 9.66 10.21
N ALA F 31 -5.77 8.58 9.89
CA ALA F 31 -5.09 7.36 9.48
C ALA F 31 -4.35 7.60 8.20
N GLN F 32 -4.96 8.38 7.32
CA GLN F 32 -4.34 8.72 6.07
C GLN F 32 -3.08 9.50 6.35
N LEU F 33 -3.15 10.39 7.32
CA LEU F 33 -2.02 11.23 7.67
C LEU F 33 -0.85 10.41 8.17
N LEU F 34 -1.15 9.36 8.90
CA LEU F 34 -0.14 8.50 9.46
C LEU F 34 0.69 7.90 8.34
N GLU F 35 -0.01 7.27 7.41
CA GLU F 35 0.61 6.58 6.30
C GLU F 35 1.38 7.54 5.39
N GLN F 36 0.81 8.71 5.15
CA GLN F 36 1.41 9.67 4.24
C GLN F 36 2.51 10.49 4.89
N GLN F 37 2.29 10.98 6.11
CA GLN F 37 3.29 11.78 6.81
C GLN F 37 3.59 11.20 8.19
N PRO F 38 4.41 10.07 8.22
CA PRO F 38 4.54 9.48 9.56
C PRO F 38 5.19 10.40 10.58
N THR F 39 6.13 11.21 10.14
CA THR F 39 6.95 12.03 11.01
C THR F 39 6.10 12.99 11.84
N LEU F 40 5.04 13.49 11.24
CA LEU F 40 4.18 14.47 11.90
C LEU F 40 3.81 14.12 13.34
N LEU F 41 4.00 15.08 14.24
CA LEU F 41 3.58 14.96 15.62
C LEU F 41 2.09 15.25 15.70
N PRO F 42 1.42 14.70 16.80
CA PRO F 42 -0.03 14.96 16.80
C PRO F 42 -0.36 16.44 16.83
N ALA F 43 0.46 17.23 17.51
CA ALA F 43 0.20 18.66 17.59
C ALA F 43 0.23 19.25 16.21
N ALA F 44 1.18 18.81 15.41
CA ALA F 44 1.32 19.31 14.05
C ALA F 44 0.10 18.86 13.26
N MET F 45 -0.35 17.65 13.55
CA MET F 45 -1.52 17.10 12.91
C MET F 45 -2.74 17.95 13.22
N ALA F 46 -2.80 18.44 14.45
CA ALA F 46 -3.96 19.18 14.93
C ALA F 46 -4.17 20.45 14.14
N GLU F 47 -3.09 21.13 13.80
CA GLU F 47 -3.18 22.28 12.92
C GLU F 47 -3.68 21.88 11.56
N GLN F 48 -3.21 20.74 11.07
CA GLN F 48 -3.53 20.33 9.72
C GLN F 48 -5.01 20.10 9.52
N LEU F 49 -5.65 19.45 10.46
CA LEU F 49 -7.06 19.17 10.35
C LEU F 49 -7.90 20.21 11.07
N ASN F 50 -7.23 21.13 11.73
CA ASN F 50 -7.91 22.19 12.48
C ASN F 50 -8.76 21.67 13.63
N VAL F 51 -8.15 20.88 14.49
CA VAL F 51 -8.78 20.35 15.68
C VAL F 51 -7.82 20.43 16.86
N THR F 52 -8.29 20.03 18.04
CA THR F 52 -7.43 19.98 19.21
C THR F 52 -6.57 18.74 19.16
N GLU F 53 -5.52 18.69 19.96
CA GLU F 53 -4.62 17.55 19.95
C GLU F 53 -5.30 16.26 20.40
N PHE F 54 -6.22 16.37 21.32
CA PHE F 54 -6.90 15.23 21.86
C PHE F 54 -7.72 14.55 20.79
N ASP F 55 -8.24 15.35 19.87
CA ASP F 55 -9.10 14.83 18.84
C ASP F 55 -8.35 13.88 17.93
N ILE F 56 -7.11 14.24 17.61
CA ILE F 56 -6.25 13.38 16.80
C ILE F 56 -5.87 12.14 17.58
N VAL F 57 -5.43 12.33 18.81
CA VAL F 57 -4.99 11.21 19.61
C VAL F 57 -6.16 10.27 19.82
N HIS F 58 -7.32 10.84 20.06
CA HIS F 58 -8.55 10.07 20.15
C HIS F 58 -8.90 9.38 18.83
N ALA F 59 -8.66 10.08 17.73
CA ALA F 59 -8.91 9.57 16.39
C ALA F 59 -7.91 8.51 15.94
N LEU F 60 -6.81 8.37 16.66
CA LEU F 60 -5.74 7.47 16.26
C LEU F 60 -6.27 6.07 16.23
N PRO F 61 -5.64 5.20 15.32
CA PRO F 61 -6.18 3.83 15.35
C PRO F 61 -6.33 3.23 16.74
N GLU F 62 -7.31 2.35 16.90
CA GLU F 62 -7.75 1.86 18.20
C GLU F 62 -6.65 1.15 18.98
N GLU F 63 -5.83 0.38 18.29
CA GLU F 63 -4.71 -0.30 18.89
C GLU F 63 -3.71 0.71 19.44
N MET F 64 -3.63 1.85 18.77
CA MET F 64 -2.60 2.83 19.04
C MET F 64 -2.75 3.69 20.29
N VAL F 65 -3.94 3.77 20.86
CA VAL F 65 -4.10 4.59 22.05
C VAL F 65 -5.11 4.10 23.09
N ALA F 66 -4.88 4.46 24.34
CA ALA F 66 -5.87 4.28 25.38
C ALA F 66 -6.11 5.62 26.05
N VAL F 67 -7.36 5.97 26.26
CA VAL F 67 -7.69 7.20 26.96
C VAL F 67 -8.31 6.88 28.30
N VAL F 68 -7.73 7.46 29.35
CA VAL F 68 -8.20 7.24 30.68
C VAL F 68 -8.62 8.57 31.29
N ASP F 69 -9.50 8.51 32.27
CA ASP F 69 -10.01 9.71 32.90
C ASP F 69 -8.92 10.48 33.63
N GLY F 70 -8.99 11.80 33.58
CA GLY F 70 -8.01 12.61 34.26
C GLY F 70 -8.10 12.43 35.75
N SER F 71 -9.21 11.86 36.20
CA SER F 71 -9.43 11.58 37.60
C SER F 71 -8.38 10.61 38.11
N HIS F 72 -7.85 9.78 37.23
CA HIS F 72 -6.86 8.81 37.61
C HIS F 72 -5.45 9.28 37.35
N ALA F 73 -5.30 10.53 36.97
CA ALA F 73 -4.00 11.04 36.55
C ALA F 73 -2.99 10.96 37.68
N GLN F 74 -3.42 11.31 38.89
CA GLN F 74 -2.54 11.31 40.03
C GLN F 74 -2.08 9.92 40.37
N THR F 75 -2.97 8.95 40.24
CA THR F 75 -2.64 7.58 40.53
C THR F 75 -1.56 7.10 39.58
N ILE F 76 -1.66 7.48 38.33
CA ILE F 76 -0.69 7.08 37.35
C ILE F 76 0.69 7.68 37.64
N LEU F 77 0.72 8.95 38.02
CA LEU F 77 1.98 9.61 38.30
C LEU F 77 2.64 9.04 39.54
N GLU F 78 1.82 8.57 40.46
CA GLU F 78 2.31 7.94 41.68
C GLU F 78 3.10 6.66 41.38
N SER F 79 2.63 5.91 40.38
CA SER F 79 3.26 4.71 39.89
C SER F 79 4.64 4.91 39.24
N LEU F 80 4.81 6.02 38.56
CA LEU F 80 5.95 6.29 37.69
C LEU F 80 7.31 6.31 38.37
N PRO F 81 7.34 6.76 39.69
CA PRO F 81 8.70 6.87 40.25
C PRO F 81 9.44 5.53 40.21
N GLU F 82 8.72 4.45 40.42
CA GLU F 82 9.30 3.12 40.34
C GLU F 82 9.83 2.84 38.93
N TRP F 83 9.09 3.27 37.93
CA TRP F 83 9.43 2.96 36.55
C TRP F 83 10.90 3.12 36.21
N GLY F 84 11.50 4.19 36.69
CA GLY F 84 12.87 4.53 36.31
C GLY F 84 12.92 5.80 35.51
N PRO F 85 14.03 6.05 34.82
CA PRO F 85 14.23 7.28 34.04
C PRO F 85 13.24 7.41 32.87
N VAL F 86 12.65 8.58 32.73
CA VAL F 86 11.76 8.86 31.62
C VAL F 86 12.04 10.27 31.12
N THR F 87 11.40 10.67 30.03
CA THR F 87 11.58 12.01 29.52
C THR F 87 10.29 12.79 29.50
N THR F 88 10.22 13.83 30.31
CA THR F 88 9.03 14.65 30.42
C THR F 88 9.20 15.88 29.53
N ILE F 89 8.33 16.02 28.56
CA ILE F 89 8.46 17.09 27.58
C ILE F 89 7.28 18.02 27.65
N MET F 90 7.53 19.31 27.46
CA MET F 90 6.48 20.30 27.44
C MET F 90 6.76 21.33 26.38
N THR F 91 5.72 21.99 25.91
CA THR F 91 5.88 22.96 24.83
C THR F 91 5.23 24.29 25.14
N ILE F 92 6.04 25.34 25.20
CA ILE F 92 5.51 26.67 25.40
C ILE F 92 6.08 27.62 24.34
N ALA F 93 5.19 28.30 23.63
CA ALA F 93 5.60 29.34 22.71
C ALA F 93 6.59 28.82 21.70
N GLY F 94 6.39 27.58 21.27
CA GLY F 94 7.22 27.00 20.22
C GLY F 94 8.53 26.52 20.78
N SER F 95 8.71 26.69 22.08
CA SER F 95 9.92 26.24 22.73
C SER F 95 9.64 24.89 23.36
N ILE F 96 10.55 23.95 23.17
CA ILE F 96 10.36 22.61 23.69
C ILE F 96 11.37 22.30 24.78
N PHE F 97 10.86 21.87 25.93
CA PHE F 97 11.71 21.60 27.08
C PHE F 97 11.63 20.15 27.49
N GLU F 98 12.78 19.51 27.67
CA GLU F 98 12.79 18.12 28.04
C GLU F 98 13.60 17.86 29.30
N VAL F 99 13.09 17.00 30.17
CA VAL F 99 13.80 16.62 31.37
C VAL F 99 14.01 15.13 31.37
N LYS F 100 15.23 14.71 31.13
CA LYS F 100 15.56 13.30 31.14
C LYS F 100 15.97 12.94 32.54
N ALA F 101 15.08 12.33 33.29
CA ALA F 101 15.40 11.91 34.66
C ALA F 101 14.28 11.02 35.16
N PRO F 102 14.46 10.34 36.29
CA PRO F 102 13.30 9.57 36.76
C PRO F 102 12.19 10.52 37.16
N PHE F 103 11.00 10.01 37.40
CA PHE F 103 9.92 10.87 37.82
C PHE F 103 9.88 10.99 39.33
N PRO F 104 9.71 12.20 39.81
CA PRO F 104 9.72 12.48 41.25
C PRO F 104 8.47 11.98 41.94
N LYS F 105 8.61 11.61 43.20
CA LYS F 105 7.48 11.22 44.02
C LYS F 105 6.67 12.49 44.25
N GLY F 106 5.43 12.33 44.69
CA GLY F 106 4.60 13.49 44.92
C GLY F 106 3.57 13.36 46.01
N LYS F 107 3.15 14.50 46.54
CA LYS F 107 2.12 14.57 47.55
C LYS F 107 1.26 15.79 47.28
N VAL F 108 -0.04 15.64 47.45
CA VAL F 108 -0.98 16.72 47.14
C VAL F 108 -1.08 17.69 48.29
N ALA F 109 -0.69 18.92 48.06
CA ALA F 109 -0.76 19.93 49.11
C ALA F 109 -1.25 21.27 48.59
N ARG F 110 -2.23 21.84 49.27
CA ARG F 110 -2.79 23.11 48.82
C ARG F 110 -3.39 22.95 47.41
N GLY F 111 -3.02 23.84 46.50
CA GLY F 111 -3.50 23.79 45.15
C GLY F 111 -3.15 22.58 44.31
N TYR F 112 -1.92 22.11 44.40
CA TYR F 112 -1.39 21.14 43.45
C TYR F 112 -0.95 19.79 44.00
N TYR F 113 -0.30 19.04 43.11
CA TYR F 113 0.39 17.81 43.43
C TYR F 113 1.84 18.20 43.32
N ASN F 114 2.52 18.23 44.45
CA ASN F 114 3.83 18.82 44.53
C ASN F 114 4.90 17.77 44.38
N LEU F 115 5.91 18.08 43.59
CA LEU F 115 6.92 17.09 43.27
C LEU F 115 8.11 17.17 44.19
N MET F 116 8.58 16.00 44.62
CA MET F 116 9.72 15.91 45.52
C MET F 116 10.94 15.45 44.76
N GLY F 117 11.65 16.39 44.17
CA GLY F 117 12.77 16.06 43.31
C GLY F 117 14.09 16.01 44.03
N ARG F 118 14.94 15.07 43.63
CA ARG F 118 16.26 14.92 44.20
C ARG F 118 17.29 14.97 43.09
N ASP F 119 18.22 15.91 43.16
CA ASP F 119 19.24 15.99 42.13
C ASP F 119 18.59 16.22 40.75
N GLY F 120 18.86 15.33 39.82
CA GLY F 120 18.45 15.46 38.42
C GLY F 120 16.97 15.51 38.19
N GLU F 121 16.20 14.94 39.11
CA GLU F 121 14.77 14.82 38.95
C GLU F 121 14.13 16.19 38.84
N LEU F 122 13.02 16.26 38.12
CA LEU F 122 12.32 17.52 37.91
C LEU F 122 11.51 17.95 39.13
N HIS F 123 11.39 19.25 39.33
CA HIS F 123 10.67 19.83 40.44
C HIS F 123 9.55 20.69 39.93
N GLY F 124 8.38 20.59 40.55
CA GLY F 124 7.30 21.46 40.17
C GLY F 124 6.03 21.26 40.97
N HIS F 125 4.99 21.95 40.55
CA HIS F 125 3.67 21.76 41.09
C HIS F 125 2.71 21.60 39.93
N LEU F 126 2.05 20.46 39.86
CA LEU F 126 1.14 20.17 38.78
C LEU F 126 -0.28 20.21 39.27
N LYS F 127 -1.12 20.90 38.51
CA LYS F 127 -2.53 21.03 38.78
C LYS F 127 -3.26 19.89 38.13
N LEU F 128 -3.35 18.78 38.82
CA LEU F 128 -3.99 17.60 38.28
C LEU F 128 -5.48 17.82 38.07
N GLU F 129 -6.05 18.74 38.82
CA GLU F 129 -7.46 19.07 38.67
C GLU F 129 -7.76 19.62 37.28
N ASN F 130 -6.77 20.29 36.70
CA ASN F 130 -6.94 20.90 35.40
C ASN F 130 -6.50 20.00 34.25
N ILE F 131 -6.42 18.71 34.54
CA ILE F 131 -6.18 17.70 33.53
C ILE F 131 -7.42 16.83 33.37
N SER F 132 -8.17 17.02 32.29
CA SER F 132 -9.39 16.25 32.08
C SER F 132 -9.12 14.83 31.62
N HIS F 133 -8.07 14.63 30.85
CA HIS F 133 -7.82 13.32 30.29
C HIS F 133 -6.36 12.95 30.21
N VAL F 134 -6.08 11.67 30.42
CA VAL F 134 -4.73 11.14 30.31
C VAL F 134 -4.73 10.06 29.24
N ALA F 135 -3.77 10.13 28.34
CA ALA F 135 -3.70 9.17 27.25
C ALA F 135 -2.41 8.38 27.23
N LEU F 136 -2.52 7.09 27.02
CA LEU F 136 -1.37 6.25 26.76
C LEU F 136 -1.24 6.05 25.27
N VAL F 137 -0.34 6.80 24.65
CA VAL F 137 -0.19 6.72 23.20
C VAL F 137 1.06 5.98 22.79
N SER F 138 0.88 5.02 21.89
CA SER F 138 1.99 4.30 21.30
C SER F 138 2.15 4.74 19.86
N LYS F 139 2.87 5.83 19.65
CA LYS F 139 3.11 6.33 18.32
C LYS F 139 4.60 6.46 18.05
N PRO F 140 5.04 5.88 16.85
CA PRO F 140 6.51 5.97 16.67
C PRO F 140 6.98 7.39 16.56
N PHE F 141 8.15 7.68 17.13
CA PHE F 141 8.70 9.02 17.08
C PHE F 141 9.98 9.03 16.26
N MET F 142 10.01 9.86 15.23
CA MET F 142 11.16 9.95 14.37
C MET F 142 11.56 8.60 13.78
N GLY F 143 10.56 7.82 13.41
CA GLY F 143 10.81 6.54 12.78
C GLY F 143 11.12 5.42 13.74
N ARG F 144 11.04 5.70 15.03
CA ARG F 144 11.35 4.68 16.03
C ARG F 144 10.19 4.39 16.96
N GLU F 145 10.14 3.18 17.48
CA GLU F 145 9.11 2.80 18.42
C GLU F 145 9.15 3.77 19.59
N SER F 146 7.98 4.18 20.08
CA SER F 146 7.90 5.20 21.09
C SER F 146 6.57 5.16 21.85
N HIS F 147 6.62 5.54 23.12
CA HIS F 147 5.43 5.59 23.94
C HIS F 147 5.46 6.78 24.87
N TYR F 148 4.32 7.43 25.08
CA TYR F 148 4.26 8.52 26.02
C TYR F 148 2.93 8.66 26.73
N PHE F 149 2.96 9.22 27.93
CA PHE F 149 1.76 9.58 28.65
C PHE F 149 1.45 11.01 28.30
N GLY F 150 0.22 11.26 27.89
CA GLY F 150 -0.20 12.59 27.52
C GLY F 150 -1.25 13.12 28.46
N PHE F 151 -1.10 14.37 28.85
CA PHE F 151 -2.03 15.00 29.78
C PHE F 151 -2.76 16.15 29.13
N PHE F 152 -4.09 16.09 29.13
CA PHE F 152 -4.90 17.02 28.36
C PHE F 152 -5.80 17.90 29.21
N THR F 153 -5.94 19.14 28.79
CA THR F 153 -6.86 20.07 29.39
C THR F 153 -8.26 19.77 28.92
N ALA F 154 -9.27 20.38 29.53
CA ALA F 154 -10.65 20.25 29.09
C ALA F 154 -10.85 20.79 27.68
N GLN F 155 -10.11 21.84 27.36
CA GLN F 155 -10.08 22.46 26.06
C GLN F 155 -9.56 21.48 25.02
N GLY F 156 -8.83 20.49 25.49
CA GLY F 156 -8.24 19.48 24.64
C GLY F 156 -6.79 19.73 24.25
N GLU F 157 -6.19 20.76 24.81
CA GLU F 157 -4.78 21.02 24.57
C GLU F 157 -3.91 20.07 25.37
N ASN F 158 -2.73 19.77 24.84
CA ASN F 158 -1.80 18.89 25.52
C ASN F 158 -0.97 19.70 26.50
N ALA F 159 -1.13 19.42 27.78
CA ALA F 159 -0.34 20.07 28.80
C ALA F 159 1.12 19.66 28.70
N PHE F 160 1.40 18.42 29.06
CA PHE F 160 2.76 17.90 28.99
C PHE F 160 2.76 16.43 28.60
N LYS F 161 3.89 15.95 28.10
CA LYS F 161 4.05 14.56 27.73
C LYS F 161 5.08 13.89 28.61
N ILE F 162 4.86 12.63 28.94
CA ILE F 162 5.88 11.83 29.60
C ILE F 162 6.23 10.67 28.68
N TYR F 163 7.49 10.59 28.31
CA TYR F 163 7.94 9.64 27.32
C TYR F 163 8.74 8.58 28.01
N LEU F 164 8.53 7.33 27.62
CA LEU F 164 9.31 6.25 28.18
C LEU F 164 10.79 6.51 27.96
N GLY F 165 11.61 6.08 28.90
CA GLY F 165 13.03 6.34 28.85
C GLY F 165 13.86 5.42 27.96
N ARG F 166 14.99 5.96 27.51
CA ARG F 166 15.91 5.24 26.65
C ARG F 166 17.25 5.08 27.36
N ASP F 167 17.89 3.95 27.13
CA ASP F 167 19.20 3.69 27.71
C ASP F 167 20.27 4.39 26.90
N GLU F 168 21.52 4.24 27.33
CA GLU F 168 22.65 4.90 26.72
C GLU F 168 22.78 4.51 25.26
N LYS F 169 22.43 3.28 24.95
CA LYS F 169 22.51 2.73 23.59
C LYS F 169 21.32 3.16 22.74
N ARG F 170 20.45 3.96 23.33
CA ARG F 170 19.34 4.56 22.60
C ARG F 170 18.11 3.67 22.44
N GLU F 171 18.03 2.61 23.23
CA GLU F 171 16.88 1.73 23.17
C GLU F 171 15.96 1.90 24.38
N LEU F 172 14.69 1.58 24.18
CA LEU F 172 13.69 1.65 25.23
C LEU F 172 14.07 0.71 26.36
N ILE F 173 13.30 0.73 27.43
CA ILE F 173 13.53 -0.15 28.54
C ILE F 173 12.45 -1.21 28.54
N PRO F 174 12.90 -2.54 28.56
CA PRO F 174 11.83 -3.52 28.43
C PRO F 174 10.80 -3.42 29.54
N GLU F 175 11.24 -3.15 30.76
CA GLU F 175 10.33 -3.10 31.88
C GLU F 175 9.27 -2.02 31.70
N GLN F 176 9.67 -0.87 31.22
CA GLN F 176 8.75 0.23 31.01
C GLN F 176 7.69 -0.06 29.97
N VAL F 177 8.11 -0.69 28.89
CA VAL F 177 7.21 -1.02 27.80
C VAL F 177 6.17 -2.07 28.20
N ALA F 178 6.61 -3.03 28.97
CA ALA F 178 5.74 -4.09 29.45
C ALA F 178 4.66 -3.55 30.37
N ARG F 179 5.04 -2.58 31.18
CA ARG F 179 4.14 -1.96 32.14
C ARG F 179 3.16 -1.07 31.42
N PHE F 180 3.69 -0.25 30.53
CA PHE F 180 2.88 0.65 29.72
C PHE F 180 1.90 -0.11 28.82
N LYS F 181 2.37 -1.17 28.18
CA LYS F 181 1.50 -1.95 27.34
C LYS F 181 0.37 -2.57 28.14
N ALA F 182 0.70 -3.07 29.32
CA ALA F 182 -0.30 -3.67 30.19
C ALA F 182 -1.31 -2.63 30.63
N MET F 183 -0.84 -1.41 30.83
CA MET F 183 -1.68 -0.32 31.26
C MET F 183 -2.67 0.08 30.18
N GLN F 184 -2.21 0.09 28.94
CA GLN F 184 -3.05 0.37 27.81
C GLN F 184 -4.10 -0.70 27.74
N GLN F 185 -3.70 -1.93 27.98
CA GLN F 185 -4.58 -3.05 27.85
C GLN F 185 -5.72 -2.93 28.84
N GLN F 186 -5.42 -2.49 30.04
CA GLN F 186 -6.44 -2.32 31.06
C GLN F 186 -7.50 -1.33 30.65
N HIS F 187 -7.07 -0.13 30.30
CA HIS F 187 -7.97 0.95 29.97
C HIS F 187 -8.65 0.82 28.62
N LYS F 188 -8.17 -0.09 27.81
CA LYS F 188 -8.86 -0.55 26.60
C LYS F 188 -10.11 -1.30 27.00
N GLN F 189 -10.10 -1.81 28.23
CA GLN F 189 -11.19 -2.59 28.80
C GLN F 189 -11.06 -4.06 28.44
#